data_1J5M
# 
_entry.id   1J5M 
# 
_audit_conform.dict_name       mmcif_pdbx.dic 
_audit_conform.dict_version    5.392 
_audit_conform.dict_location   http://mmcif.pdb.org/dictionaries/ascii/mmcif_pdbx.dic 
# 
loop_
_database_2.database_id 
_database_2.database_code 
_database_2.pdbx_database_accession 
_database_2.pdbx_DOI 
PDB   1J5M         pdb_00001j5m 10.2210/pdb1j5m/pdb 
RCSB  RCSB001641   ?            ?                   
WWPDB D_1000001641 ?            ?                   
BMRB  4725         ?            10.13018/BMR4725    
# 
loop_
_pdbx_audit_revision_history.ordinal 
_pdbx_audit_revision_history.data_content_type 
_pdbx_audit_revision_history.major_revision 
_pdbx_audit_revision_history.minor_revision 
_pdbx_audit_revision_history.revision_date 
1 'Structure model' 1 0 2002-05-22 
2 'Structure model' 1 1 2008-04-26 
3 'Structure model' 1 2 2011-07-13 
4 'Structure model' 2 0 2020-02-05 
5 'Structure model' 2 1 2023-06-14 
6 'Structure model' 2 2 2024-05-08 
# 
_pdbx_audit_revision_details.ordinal             1 
_pdbx_audit_revision_details.revision_ordinal    1 
_pdbx_audit_revision_details.data_content_type   'Structure model' 
_pdbx_audit_revision_details.provider            repository 
_pdbx_audit_revision_details.type                'Initial release' 
_pdbx_audit_revision_details.description         ? 
_pdbx_audit_revision_details.details             ? 
# 
loop_
_pdbx_audit_revision_group.ordinal 
_pdbx_audit_revision_group.revision_ordinal 
_pdbx_audit_revision_group.data_content_type 
_pdbx_audit_revision_group.group 
1  2 'Structure model' 'Version format compliance' 
2  3 'Structure model' 'Version format compliance' 
3  4 'Structure model' 'Atomic model'              
4  4 'Structure model' 'Data collection'           
5  4 'Structure model' 'Database references'       
6  4 'Structure model' 'Derived calculations'      
7  4 'Structure model' Other                       
8  5 'Structure model' 'Database references'       
9  5 'Structure model' 'Derived calculations'      
10 5 'Structure model' Other                       
11 6 'Structure model' 'Data collection'           
12 6 'Structure model' 'Database references'       
# 
loop_
_pdbx_audit_revision_category.ordinal 
_pdbx_audit_revision_category.revision_ordinal 
_pdbx_audit_revision_category.data_content_type 
_pdbx_audit_revision_category.category 
1  4 'Structure model' atom_site              
2  4 'Structure model' database_2             
3  4 'Structure model' pdbx_database_status   
4  4 'Structure model' pdbx_nmr_software      
5  4 'Structure model' pdbx_struct_assembly   
6  4 'Structure model' pdbx_struct_oper_list  
7  5 'Structure model' database_2             
8  5 'Structure model' pdbx_database_status   
9  5 'Structure model' pdbx_struct_conn_angle 
10 5 'Structure model' struct_conn            
11 5 'Structure model' struct_site            
12 6 'Structure model' chem_comp_atom         
13 6 'Structure model' chem_comp_bond         
14 6 'Structure model' database_2             
# 
loop_
_pdbx_audit_revision_item.ordinal 
_pdbx_audit_revision_item.revision_ordinal 
_pdbx_audit_revision_item.data_content_type 
_pdbx_audit_revision_item.item 
1  4 'Structure model' '_atom_site.B_iso_or_equiv'                   
2  4 'Structure model' '_atom_site.Cartn_x'                          
3  4 'Structure model' '_atom_site.Cartn_y'                          
4  4 'Structure model' '_atom_site.Cartn_z'                          
5  4 'Structure model' '_atom_site.auth_atom_id'                     
6  4 'Structure model' '_atom_site.label_atom_id'                    
7  4 'Structure model' '_pdbx_database_status.status_code_cs'        
8  4 'Structure model' '_pdbx_nmr_software.name'                     
9  5 'Structure model' '_database_2.pdbx_DOI'                        
10 5 'Structure model' '_database_2.pdbx_database_accession'         
11 5 'Structure model' '_pdbx_database_status.status_code_nmr_data'  
12 5 'Structure model' '_pdbx_struct_conn_angle.ptnr1_auth_seq_id'   
13 5 'Structure model' '_pdbx_struct_conn_angle.ptnr1_label_seq_id'  
14 5 'Structure model' '_pdbx_struct_conn_angle.ptnr2_auth_seq_id'   
15 5 'Structure model' '_pdbx_struct_conn_angle.ptnr2_label_asym_id' 
16 5 'Structure model' '_pdbx_struct_conn_angle.ptnr3_auth_seq_id'   
17 5 'Structure model' '_pdbx_struct_conn_angle.ptnr3_label_seq_id'  
18 5 'Structure model' '_pdbx_struct_conn_angle.value'               
19 5 'Structure model' '_struct_conn.pdbx_dist_value'                
20 5 'Structure model' '_struct_conn.ptnr1_auth_comp_id'             
21 5 'Structure model' '_struct_conn.ptnr1_auth_seq_id'              
22 5 'Structure model' '_struct_conn.ptnr1_label_asym_id'            
23 5 'Structure model' '_struct_conn.ptnr1_label_atom_id'            
24 5 'Structure model' '_struct_conn.ptnr1_label_comp_id'            
25 5 'Structure model' '_struct_conn.ptnr1_label_seq_id'             
26 5 'Structure model' '_struct_conn.ptnr2_auth_comp_id'             
27 5 'Structure model' '_struct_conn.ptnr2_auth_seq_id'              
28 5 'Structure model' '_struct_conn.ptnr2_label_asym_id'            
29 5 'Structure model' '_struct_conn.ptnr2_label_atom_id'            
30 5 'Structure model' '_struct_conn.ptnr2_label_comp_id'            
31 5 'Structure model' '_struct_conn.ptnr2_label_seq_id'             
32 5 'Structure model' '_struct_site.pdbx_auth_asym_id'              
33 5 'Structure model' '_struct_site.pdbx_auth_comp_id'              
34 5 'Structure model' '_struct_site.pdbx_auth_seq_id'               
35 6 'Structure model' '_database_2.pdbx_DOI'                        
# 
_pdbx_database_PDB_obs_spr.id               SPRSDE 
_pdbx_database_PDB_obs_spr.date             2002-05-22 
_pdbx_database_PDB_obs_spr.pdb_id           1J5M 
_pdbx_database_PDB_obs_spr.replace_pdb_id   1HZR 
_pdbx_database_PDB_obs_spr.details          ? 
# 
_pdbx_database_status.status_code                     REL 
_pdbx_database_status.entry_id                        1J5M 
_pdbx_database_status.recvd_initial_deposition_date   2002-05-16 
_pdbx_database_status.deposit_site                    RCSB 
_pdbx_database_status.process_site                    RCSB 
_pdbx_database_status.status_code_mr                  REL 
_pdbx_database_status.SG_entry                        . 
_pdbx_database_status.pdb_format_compatible           Y 
_pdbx_database_status.status_code_sf                  ? 
_pdbx_database_status.status_code_cs                  REL 
_pdbx_database_status.methods_development_category    ? 
_pdbx_database_status.status_code_nmr_data            REL 
# 
loop_
_pdbx_database_related.db_name 
_pdbx_database_related.db_id 
_pdbx_database_related.details 
_pdbx_database_related.content_type 
BMRB 4725 'contains 1H, 13C chemical shifts and 3JHNHA and 3JHAHB coupling constants'     unspecified 
PDB  1J5L 'contains the minimized average structure of the beta_C domain of this protein' unspecified 
# 
loop_
_audit_author.name 
_audit_author.pdbx_ordinal 
'Munoz, A.'         1 
'Forsterling, F.H.' 2 
'Shaw III, C.F.'    3 
'Petering, D.H.'    4 
# 
_citation.id                        primary 
_citation.title                     
;Structure of the (113)Cd(3)beta domains from Homarus americanus metallothionein-1: hydrogen bonding and solvent accessibility of sulfur atoms
;
_citation.journal_abbrev            J.Biol.Inorg.Chem. 
_citation.journal_volume            7 
_citation.page_first                713 
_citation.page_last                 724 
_citation.year                      2002 
_citation.journal_id_ASTM           JJBCFA 
_citation.country                   GW 
_citation.journal_id_ISSN           0949-8257 
_citation.journal_id_CSD            2154 
_citation.book_publisher            ? 
_citation.pdbx_database_id_PubMed   12203008 
_citation.pdbx_database_id_DOI      10.1007/s00775-002-0345-3 
# 
loop_
_citation_author.citation_id 
_citation_author.name 
_citation_author.ordinal 
_citation_author.identifier_ORCID 
primary 'Munoz, A.'         1 ? 
primary 'Forsterling, F.H.' 2 ? 
primary 'Shaw III, C.F.'    3 ? 
primary 'Petering, D.H.'    4 ? 
# 
loop_
_entity.id 
_entity.type 
_entity.src_method 
_entity.pdbx_description 
_entity.formula_weight 
_entity.pdbx_number_of_molecules 
_entity.pdbx_ec 
_entity.pdbx_mutation 
_entity.pdbx_fragment 
_entity.details 
1 polymer     syn METALLOTHIONEIN-1 2847.406 1 ? ? 'BETA_N DOMAIN (RESIDUES 1-28)' ? 
2 non-polymer syn 'CADMIUM ION'     112.411  3 ? ? ?                               ? 
# 
_entity_name_com.entity_id   1 
_entity_name_com.name        CUMT-1 
# 
_entity_poly.entity_id                      1 
_entity_poly.type                           'polypeptide(L)' 
_entity_poly.nstd_linkage                   no 
_entity_poly.nstd_monomer                   no 
_entity_poly.pdbx_seq_one_letter_code       PGPCCKDKCECAEGGCKTGCKCTSCRCA 
_entity_poly.pdbx_seq_one_letter_code_can   PGPCCKDKCECAEGGCKTGCKCTSCRCA 
_entity_poly.pdbx_strand_id                 A 
_entity_poly.pdbx_target_identifier         ? 
# 
_pdbx_entity_nonpoly.entity_id   2 
_pdbx_entity_nonpoly.name        'CADMIUM ION' 
_pdbx_entity_nonpoly.comp_id     CD 
# 
loop_
_entity_poly_seq.entity_id 
_entity_poly_seq.num 
_entity_poly_seq.mon_id 
_entity_poly_seq.hetero 
1 1  PRO n 
1 2  GLY n 
1 3  PRO n 
1 4  CYS n 
1 5  CYS n 
1 6  LYS n 
1 7  ASP n 
1 8  LYS n 
1 9  CYS n 
1 10 GLU n 
1 11 CYS n 
1 12 ALA n 
1 13 GLU n 
1 14 GLY n 
1 15 GLY n 
1 16 CYS n 
1 17 LYS n 
1 18 THR n 
1 19 GLY n 
1 20 CYS n 
1 21 LYS n 
1 22 CYS n 
1 23 THR n 
1 24 SER n 
1 25 CYS n 
1 26 ARG n 
1 27 CYS n 
1 28 ALA n 
# 
_pdbx_entity_src_syn.entity_id              1 
_pdbx_entity_src_syn.pdbx_src_id            1 
_pdbx_entity_src_syn.pdbx_alt_source_flag   sample 
_pdbx_entity_src_syn.pdbx_beg_seq_num       ? 
_pdbx_entity_src_syn.pdbx_end_seq_num       ? 
_pdbx_entity_src_syn.organism_scientific    ? 
_pdbx_entity_src_syn.organism_common_name   ? 
_pdbx_entity_src_syn.ncbi_taxonomy_id       ? 
_pdbx_entity_src_syn.details                
'The peptide was chemically synthesized. The sequence of the peptide is naturally found in Homarus americanus (American lobster).' 
# 
loop_
_chem_comp.id 
_chem_comp.type 
_chem_comp.mon_nstd_flag 
_chem_comp.name 
_chem_comp.pdbx_synonyms 
_chem_comp.formula 
_chem_comp.formula_weight 
ALA 'L-peptide linking' y ALANINE         ? 'C3 H7 N O2'     89.093  
ARG 'L-peptide linking' y ARGININE        ? 'C6 H15 N4 O2 1' 175.209 
ASP 'L-peptide linking' y 'ASPARTIC ACID' ? 'C4 H7 N O4'     133.103 
CD  non-polymer         . 'CADMIUM ION'   ? 'Cd 2'           112.411 
CYS 'L-peptide linking' y CYSTEINE        ? 'C3 H7 N O2 S'   121.158 
GLU 'L-peptide linking' y 'GLUTAMIC ACID' ? 'C5 H9 N O4'     147.129 
GLY 'peptide linking'   y GLYCINE         ? 'C2 H5 N O2'     75.067  
LYS 'L-peptide linking' y LYSINE          ? 'C6 H15 N2 O2 1' 147.195 
PRO 'L-peptide linking' y PROLINE         ? 'C5 H9 N O2'     115.130 
SER 'L-peptide linking' y SERINE          ? 'C3 H7 N O3'     105.093 
THR 'L-peptide linking' y THREONINE       ? 'C4 H9 N O3'     119.119 
# 
loop_
_pdbx_poly_seq_scheme.asym_id 
_pdbx_poly_seq_scheme.entity_id 
_pdbx_poly_seq_scheme.seq_id 
_pdbx_poly_seq_scheme.mon_id 
_pdbx_poly_seq_scheme.ndb_seq_num 
_pdbx_poly_seq_scheme.pdb_seq_num 
_pdbx_poly_seq_scheme.auth_seq_num 
_pdbx_poly_seq_scheme.pdb_mon_id 
_pdbx_poly_seq_scheme.auth_mon_id 
_pdbx_poly_seq_scheme.pdb_strand_id 
_pdbx_poly_seq_scheme.pdb_ins_code 
_pdbx_poly_seq_scheme.hetero 
A 1 1  PRO 1  1  1  PRO PRO A . n 
A 1 2  GLY 2  2  2  GLY GLY A . n 
A 1 3  PRO 3  3  3  PRO PRO A . n 
A 1 4  CYS 4  4  4  CYS CYS A . n 
A 1 5  CYS 5  5  5  CYS CYS A . n 
A 1 6  LYS 6  6  6  LYS LYS A . n 
A 1 7  ASP 7  7  7  ASP ASP A . n 
A 1 8  LYS 8  8  8  LYS LYS A . n 
A 1 9  CYS 9  9  9  CYS CYS A . n 
A 1 10 GLU 10 10 10 GLU GLU A . n 
A 1 11 CYS 11 11 11 CYS CYS A . n 
A 1 12 ALA 12 12 12 ALA ALA A . n 
A 1 13 GLU 13 13 13 GLU GLU A . n 
A 1 14 GLY 14 14 14 GLY GLY A . n 
A 1 15 GLY 15 15 15 GLY GLY A . n 
A 1 16 CYS 16 16 16 CYS CYS A . n 
A 1 17 LYS 17 17 17 LYS LYS A . n 
A 1 18 THR 18 18 18 THR THR A . n 
A 1 19 GLY 19 19 19 GLY GLY A . n 
A 1 20 CYS 20 20 20 CYS CYS A . n 
A 1 21 LYS 21 21 21 LYS LYS A . n 
A 1 22 CYS 22 22 22 CYS CYS A . n 
A 1 23 THR 23 23 23 THR THR A . n 
A 1 24 SER 24 24 24 SER SER A . n 
A 1 25 CYS 25 25 25 CYS CYS A . n 
A 1 26 ARG 26 26 26 ARG ARG A . n 
A 1 27 CYS 27 27 27 CYS CYS A . n 
A 1 28 ALA 28 28 28 ALA ALA A . n 
# 
loop_
_pdbx_nonpoly_scheme.asym_id 
_pdbx_nonpoly_scheme.entity_id 
_pdbx_nonpoly_scheme.mon_id 
_pdbx_nonpoly_scheme.ndb_seq_num 
_pdbx_nonpoly_scheme.pdb_seq_num 
_pdbx_nonpoly_scheme.auth_seq_num 
_pdbx_nonpoly_scheme.pdb_mon_id 
_pdbx_nonpoly_scheme.auth_mon_id 
_pdbx_nonpoly_scheme.pdb_strand_id 
_pdbx_nonpoly_scheme.pdb_ins_code 
B 2 CD 1 29 29 CD CD A . 
C 2 CD 1 30 30 CD CD A . 
D 2 CD 1 31 31 CD CD A . 
# 
_exptl.entry_id          1J5M 
_exptl.method            'SOLUTION NMR' 
_exptl.crystals_number   ? 
# 
_exptl_crystal.id                    1 
_exptl_crystal.density_meas          ? 
_exptl_crystal.density_Matthews      ? 
_exptl_crystal.density_percent_sol   ? 
_exptl_crystal.description           ? 
# 
_diffrn.id                     1 
_diffrn.ambient_temp           ? 
_diffrn.ambient_temp_details   ? 
_diffrn.crystal_id             1 
# 
_diffrn_radiation.diffrn_id                        1 
_diffrn_radiation.wavelength_id                    1 
_diffrn_radiation.pdbx_monochromatic_or_laue_m_l   M 
_diffrn_radiation.monochromator                    ? 
_diffrn_radiation.pdbx_diffrn_protocol             'SINGLE WAVELENGTH' 
_diffrn_radiation.pdbx_scattering_type             ? 
# 
_diffrn_radiation_wavelength.id           1 
_diffrn_radiation_wavelength.wavelength   . 
_diffrn_radiation_wavelength.wt           1.0 
# 
_struct.entry_id                  1J5M 
_struct.title                     'SOLUTION STRUCTURE OF THE SYNTHETIC 113CD_3 BETA_N DOMAIN OF LOBSTER METALLOTHIONEIN-1' 
_struct.pdbx_model_details        ? 
_struct.pdbx_CASP_flag            ? 
_struct.pdbx_model_type_details   ? 
# 
_struct_keywords.entry_id        1J5M 
_struct_keywords.pdbx_keywords   'METAL BINDING PROTEIN' 
_struct_keywords.text            
;Metallothionein, beta-domain, metal-sulfur-cluster, 2D-NMR, 113Cd-NMR, conformational changes, HN-S-hydrogen bonds, METAL BINDING PROTEIN
;
# 
loop_
_struct_asym.id 
_struct_asym.pdbx_blank_PDB_chainid_flag 
_struct_asym.pdbx_modified 
_struct_asym.entity_id 
_struct_asym.details 
A N N 1 ? 
B N N 2 ? 
C N N 2 ? 
D N N 2 ? 
# 
_struct_ref.id                         1 
_struct_ref.db_name                    UNP 
_struct_ref.db_code                    MT1_HOMAM 
_struct_ref.entity_id                  1 
_struct_ref.pdbx_db_accession          P29499 
_struct_ref.pdbx_seq_one_letter_code   PGPCCKDKCECAEGGCKTGCKCTSCRCA 
_struct_ref.pdbx_align_begin           1 
_struct_ref.pdbx_db_isoform            ? 
# 
_struct_ref_seq.align_id                      1 
_struct_ref_seq.ref_id                        1 
_struct_ref_seq.pdbx_PDB_id_code              1J5M 
_struct_ref_seq.pdbx_strand_id                A 
_struct_ref_seq.seq_align_beg                 1 
_struct_ref_seq.pdbx_seq_align_beg_ins_code   ? 
_struct_ref_seq.seq_align_end                 28 
_struct_ref_seq.pdbx_seq_align_end_ins_code   ? 
_struct_ref_seq.pdbx_db_accession             P29499 
_struct_ref_seq.db_align_beg                  1 
_struct_ref_seq.pdbx_db_align_beg_ins_code    ? 
_struct_ref_seq.db_align_end                  28 
_struct_ref_seq.pdbx_db_align_end_ins_code    ? 
_struct_ref_seq.pdbx_auth_seq_align_beg       1 
_struct_ref_seq.pdbx_auth_seq_align_end       28 
# 
_pdbx_struct_assembly.id                   1 
_pdbx_struct_assembly.details              author_defined_assembly 
_pdbx_struct_assembly.method_details       ? 
_pdbx_struct_assembly.oligomeric_details   monomeric 
_pdbx_struct_assembly.oligomeric_count     1 
# 
_pdbx_struct_assembly_gen.assembly_id       1 
_pdbx_struct_assembly_gen.oper_expression   1 
_pdbx_struct_assembly_gen.asym_id_list      A,B,C,D 
# 
_pdbx_struct_oper_list.id                   1 
_pdbx_struct_oper_list.type                 'identity operation' 
_pdbx_struct_oper_list.name                 1_555 
_pdbx_struct_oper_list.symmetry_operation   ? 
_pdbx_struct_oper_list.matrix[1][1]         1.0000000000 
_pdbx_struct_oper_list.matrix[1][2]         0.0000000000 
_pdbx_struct_oper_list.matrix[1][3]         0.0000000000 
_pdbx_struct_oper_list.vector[1]            0.0000000000 
_pdbx_struct_oper_list.matrix[2][1]         0.0000000000 
_pdbx_struct_oper_list.matrix[2][2]         1.0000000000 
_pdbx_struct_oper_list.matrix[2][3]         0.0000000000 
_pdbx_struct_oper_list.vector[2]            0.0000000000 
_pdbx_struct_oper_list.matrix[3][1]         0.0000000000 
_pdbx_struct_oper_list.matrix[3][2]         0.0000000000 
_pdbx_struct_oper_list.matrix[3][3]         1.0000000000 
_pdbx_struct_oper_list.vector[3]            0.0000000000 
# 
_struct_biol.id   1 
# 
loop_
_struct_conn.id 
_struct_conn.conn_type_id 
_struct_conn.pdbx_leaving_atom_flag 
_struct_conn.pdbx_PDB_id 
_struct_conn.ptnr1_label_asym_id 
_struct_conn.ptnr1_label_comp_id 
_struct_conn.ptnr1_label_seq_id 
_struct_conn.ptnr1_label_atom_id 
_struct_conn.pdbx_ptnr1_label_alt_id 
_struct_conn.pdbx_ptnr1_PDB_ins_code 
_struct_conn.pdbx_ptnr1_standard_comp_id 
_struct_conn.ptnr1_symmetry 
_struct_conn.ptnr2_label_asym_id 
_struct_conn.ptnr2_label_comp_id 
_struct_conn.ptnr2_label_seq_id 
_struct_conn.ptnr2_label_atom_id 
_struct_conn.pdbx_ptnr2_label_alt_id 
_struct_conn.pdbx_ptnr2_PDB_ins_code 
_struct_conn.ptnr1_auth_asym_id 
_struct_conn.ptnr1_auth_comp_id 
_struct_conn.ptnr1_auth_seq_id 
_struct_conn.ptnr2_auth_asym_id 
_struct_conn.ptnr2_auth_comp_id 
_struct_conn.ptnr2_auth_seq_id 
_struct_conn.ptnr2_symmetry 
_struct_conn.pdbx_ptnr3_label_atom_id 
_struct_conn.pdbx_ptnr3_label_seq_id 
_struct_conn.pdbx_ptnr3_label_comp_id 
_struct_conn.pdbx_ptnr3_label_asym_id 
_struct_conn.pdbx_ptnr3_label_alt_id 
_struct_conn.pdbx_ptnr3_PDB_ins_code 
_struct_conn.details 
_struct_conn.pdbx_dist_value 
_struct_conn.pdbx_value_order 
_struct_conn.pdbx_role 
metalc1  metalc ? ? A CYS 4  SG ? ? ? 1_555 C CD . CD ? ? A CYS 4  A CD 30 1_555 ? ? ? ? ? ? ? 2.569 ? ? 
metalc2  metalc ? ? A CYS 5  SG ? ? ? 1_555 B CD . CD ? ? A CYS 5  A CD 29 1_555 ? ? ? ? ? ? ? 2.557 ? ? 
metalc3  metalc ? ? A CYS 5  SG ? ? ? 1_555 C CD . CD ? ? A CYS 5  A CD 30 1_555 ? ? ? ? ? ? ? 2.542 ? ? 
metalc4  metalc ? ? A CYS 9  SG ? ? ? 1_555 B CD . CD ? ? A CYS 9  A CD 29 1_555 ? ? ? ? ? ? ? 2.557 ? ? 
metalc5  metalc ? ? A CYS 11 SG ? ? ? 1_555 D CD . CD ? ? A CYS 11 A CD 31 1_555 ? ? ? ? ? ? ? 2.540 ? ? 
metalc6  metalc ? ? A CYS 16 SG ? ? ? 1_555 C CD . CD ? ? A CYS 16 A CD 30 1_555 ? ? ? ? ? ? ? 2.529 ? ? 
metalc7  metalc ? ? A CYS 16 SG ? ? ? 1_555 D CD . CD ? ? A CYS 16 A CD 31 1_555 ? ? ? ? ? ? ? 2.534 ? ? 
metalc8  metalc ? ? A CYS 20 SG ? ? ? 1_555 C CD . CD ? ? A CYS 20 A CD 30 1_555 ? ? ? ? ? ? ? 2.551 ? ? 
metalc9  metalc ? ? A CYS 22 SG ? ? ? 1_555 B CD . CD ? ? A CYS 22 A CD 29 1_555 ? ? ? ? ? ? ? 2.556 ? ? 
metalc10 metalc ? ? A CYS 25 SG ? ? ? 1_555 B CD . CD ? ? A CYS 25 A CD 29 1_555 ? ? ? ? ? ? ? 2.581 ? ? 
metalc11 metalc ? ? A CYS 25 SG ? ? ? 1_555 D CD . CD ? ? A CYS 25 A CD 31 1_555 ? ? ? ? ? ? ? 2.582 ? ? 
metalc12 metalc ? ? A CYS 27 SG ? ? ? 1_555 D CD . CD ? ? A CYS 27 A CD 31 1_555 ? ? ? ? ? ? ? 2.562 ? ? 
# 
_struct_conn_type.id          metalc 
_struct_conn_type.criteria    ? 
_struct_conn_type.reference   ? 
# 
loop_
_pdbx_struct_conn_angle.id 
_pdbx_struct_conn_angle.ptnr1_label_atom_id 
_pdbx_struct_conn_angle.ptnr1_label_alt_id 
_pdbx_struct_conn_angle.ptnr1_label_asym_id 
_pdbx_struct_conn_angle.ptnr1_label_comp_id 
_pdbx_struct_conn_angle.ptnr1_label_seq_id 
_pdbx_struct_conn_angle.ptnr1_auth_atom_id 
_pdbx_struct_conn_angle.ptnr1_auth_asym_id 
_pdbx_struct_conn_angle.ptnr1_auth_comp_id 
_pdbx_struct_conn_angle.ptnr1_auth_seq_id 
_pdbx_struct_conn_angle.ptnr1_PDB_ins_code 
_pdbx_struct_conn_angle.ptnr1_symmetry 
_pdbx_struct_conn_angle.ptnr2_label_atom_id 
_pdbx_struct_conn_angle.ptnr2_label_alt_id 
_pdbx_struct_conn_angle.ptnr2_label_asym_id 
_pdbx_struct_conn_angle.ptnr2_label_comp_id 
_pdbx_struct_conn_angle.ptnr2_label_seq_id 
_pdbx_struct_conn_angle.ptnr2_auth_atom_id 
_pdbx_struct_conn_angle.ptnr2_auth_asym_id 
_pdbx_struct_conn_angle.ptnr2_auth_comp_id 
_pdbx_struct_conn_angle.ptnr2_auth_seq_id 
_pdbx_struct_conn_angle.ptnr2_PDB_ins_code 
_pdbx_struct_conn_angle.ptnr2_symmetry 
_pdbx_struct_conn_angle.ptnr3_label_atom_id 
_pdbx_struct_conn_angle.ptnr3_label_alt_id 
_pdbx_struct_conn_angle.ptnr3_label_asym_id 
_pdbx_struct_conn_angle.ptnr3_label_comp_id 
_pdbx_struct_conn_angle.ptnr3_label_seq_id 
_pdbx_struct_conn_angle.ptnr3_auth_atom_id 
_pdbx_struct_conn_angle.ptnr3_auth_asym_id 
_pdbx_struct_conn_angle.ptnr3_auth_comp_id 
_pdbx_struct_conn_angle.ptnr3_auth_seq_id 
_pdbx_struct_conn_angle.ptnr3_PDB_ins_code 
_pdbx_struct_conn_angle.ptnr3_symmetry 
_pdbx_struct_conn_angle.value 
_pdbx_struct_conn_angle.value_esd 
1  SG ? A CYS 4  ? A CYS 4  ? 1_555 CD ? C CD . ? A CD 30 ? 1_555 SG ? A CYS 5  ? A CYS 5  ? 1_555 117.1 ? 
2  SG ? A CYS 4  ? A CYS 4  ? 1_555 CD ? C CD . ? A CD 30 ? 1_555 SG ? A CYS 16 ? A CYS 16 ? 1_555 110.3 ? 
3  SG ? A CYS 5  ? A CYS 5  ? 1_555 CD ? C CD . ? A CD 30 ? 1_555 SG ? A CYS 16 ? A CYS 16 ? 1_555 100.1 ? 
4  SG ? A CYS 4  ? A CYS 4  ? 1_555 CD ? C CD . ? A CD 30 ? 1_555 SG ? A CYS 20 ? A CYS 20 ? 1_555 109.4 ? 
5  SG ? A CYS 5  ? A CYS 5  ? 1_555 CD ? C CD . ? A CD 30 ? 1_555 SG ? A CYS 20 ? A CYS 20 ? 1_555 111.2 ? 
6  SG ? A CYS 16 ? A CYS 16 ? 1_555 CD ? C CD . ? A CD 30 ? 1_555 SG ? A CYS 20 ? A CYS 20 ? 1_555 108.2 ? 
7  SG ? A CYS 5  ? A CYS 5  ? 1_555 CD ? B CD . ? A CD 29 ? 1_555 SG ? A CYS 9  ? A CYS 9  ? 1_555 108.3 ? 
8  SG ? A CYS 5  ? A CYS 5  ? 1_555 CD ? B CD . ? A CD 29 ? 1_555 SG ? A CYS 22 ? A CYS 22 ? 1_555 106.7 ? 
9  SG ? A CYS 9  ? A CYS 9  ? 1_555 CD ? B CD . ? A CD 29 ? 1_555 SG ? A CYS 22 ? A CYS 22 ? 1_555 111.4 ? 
10 SG ? A CYS 5  ? A CYS 5  ? 1_555 CD ? B CD . ? A CD 29 ? 1_555 SG ? A CYS 25 ? A CYS 25 ? 1_555 116.0 ? 
11 SG ? A CYS 9  ? A CYS 9  ? 1_555 CD ? B CD . ? A CD 29 ? 1_555 SG ? A CYS 25 ? A CYS 25 ? 1_555 107.8 ? 
12 SG ? A CYS 22 ? A CYS 22 ? 1_555 CD ? B CD . ? A CD 29 ? 1_555 SG ? A CYS 25 ? A CYS 25 ? 1_555 106.7 ? 
13 SG ? A CYS 11 ? A CYS 11 ? 1_555 CD ? D CD . ? A CD 31 ? 1_555 SG ? A CYS 16 ? A CYS 16 ? 1_555 107.0 ? 
14 SG ? A CYS 11 ? A CYS 11 ? 1_555 CD ? D CD . ? A CD 31 ? 1_555 SG ? A CYS 25 ? A CYS 25 ? 1_555 107.1 ? 
15 SG ? A CYS 16 ? A CYS 16 ? 1_555 CD ? D CD . ? A CD 31 ? 1_555 SG ? A CYS 25 ? A CYS 25 ? 1_555 111.8 ? 
16 SG ? A CYS 11 ? A CYS 11 ? 1_555 CD ? D CD . ? A CD 31 ? 1_555 SG ? A CYS 27 ? A CYS 27 ? 1_555 110.7 ? 
17 SG ? A CYS 16 ? A CYS 16 ? 1_555 CD ? D CD . ? A CD 31 ? 1_555 SG ? A CYS 27 ? A CYS 27 ? 1_555 109.5 ? 
18 SG ? A CYS 25 ? A CYS 25 ? 1_555 CD ? D CD . ? A CD 31 ? 1_555 SG ? A CYS 27 ? A CYS 27 ? 1_555 110.6 ? 
# 
loop_
_struct_site.id 
_struct_site.pdbx_evidence_code 
_struct_site.pdbx_auth_asym_id 
_struct_site.pdbx_auth_comp_id 
_struct_site.pdbx_auth_seq_id 
_struct_site.pdbx_auth_ins_code 
_struct_site.pdbx_num_residues 
_struct_site.details 
AC1 Software A CD 29 ? 4 'BINDING SITE FOR RESIDUE CD A 29' 
AC2 Software A CD 30 ? 4 'BINDING SITE FOR RESIDUE CD A 30' 
AC3 Software A CD 31 ? 4 'BINDING SITE FOR RESIDUE CD A 31' 
# 
loop_
_struct_site_gen.id 
_struct_site_gen.site_id 
_struct_site_gen.pdbx_num_res 
_struct_site_gen.label_comp_id 
_struct_site_gen.label_asym_id 
_struct_site_gen.label_seq_id 
_struct_site_gen.pdbx_auth_ins_code 
_struct_site_gen.auth_comp_id 
_struct_site_gen.auth_asym_id 
_struct_site_gen.auth_seq_id 
_struct_site_gen.label_atom_id 
_struct_site_gen.label_alt_id 
_struct_site_gen.symmetry 
_struct_site_gen.details 
1  AC1 4 CYS A 5  ? CYS A 5  . ? 1_555 ? 
2  AC1 4 CYS A 9  ? CYS A 9  . ? 1_555 ? 
3  AC1 4 CYS A 22 ? CYS A 22 . ? 1_555 ? 
4  AC1 4 CYS A 25 ? CYS A 25 . ? 1_555 ? 
5  AC2 4 CYS A 4  ? CYS A 4  . ? 1_555 ? 
6  AC2 4 CYS A 5  ? CYS A 5  . ? 1_555 ? 
7  AC2 4 CYS A 16 ? CYS A 16 . ? 1_555 ? 
8  AC2 4 CYS A 20 ? CYS A 20 . ? 1_555 ? 
9  AC3 4 CYS A 11 ? CYS A 11 . ? 1_555 ? 
10 AC3 4 CYS A 16 ? CYS A 16 . ? 1_555 ? 
11 AC3 4 CYS A 25 ? CYS A 25 . ? 1_555 ? 
12 AC3 4 CYS A 27 ? CYS A 27 . ? 1_555 ? 
# 
loop_
_pdbx_validate_torsion.id 
_pdbx_validate_torsion.PDB_model_num 
_pdbx_validate_torsion.auth_comp_id 
_pdbx_validate_torsion.auth_asym_id 
_pdbx_validate_torsion.auth_seq_id 
_pdbx_validate_torsion.PDB_ins_code 
_pdbx_validate_torsion.label_alt_id 
_pdbx_validate_torsion.phi 
_pdbx_validate_torsion.psi 
1  1 CYS A 4  ? ? -174.43 -171.75 
2  1 CYS A 5  ? ? 40.27   29.10   
3  1 ASP A 7  ? ? -133.08 -35.18  
4  1 LYS A 8  ? ? -135.78 -103.78 
5  1 CYS A 9  ? ? 175.33  149.20  
6  1 GLU A 10 ? ? -137.61 -77.84  
7  1 CYS A 11 ? ? 50.37   19.05   
8  1 GLU A 13 ? ? -97.41  31.78   
9  1 LYS A 17 ? ? -128.26 -62.48  
10 1 THR A 18 ? ? -163.23 -75.33  
11 1 CYS A 20 ? ? -29.69  113.13  
12 1 THR A 23 ? ? -87.46  38.44   
# 
_pdbx_validate_planes.id              1 
_pdbx_validate_planes.PDB_model_num   1 
_pdbx_validate_planes.auth_comp_id    ARG 
_pdbx_validate_planes.auth_asym_id    A 
_pdbx_validate_planes.auth_seq_id     26 
_pdbx_validate_planes.PDB_ins_code    ? 
_pdbx_validate_planes.label_alt_id    ? 
_pdbx_validate_planes.rmsd            0.316 
_pdbx_validate_planes.type            'SIDE CHAIN' 
# 
_pdbx_nmr_ensemble.entry_id                             1J5M 
_pdbx_nmr_ensemble.conformers_calculated_total_number   ? 
_pdbx_nmr_ensemble.conformers_submitted_total_number    1 
_pdbx_nmr_ensemble.conformer_selection_criteria         ? 
# 
_pdbx_nmr_sample_details.solution_id      1 
_pdbx_nmr_sample_details.contents         '5mM (113Cd)3-beta_N, 5mM d-Tris-HCl' 
_pdbx_nmr_sample_details.solvent_system   '90% H2O/10% D2O' 
# 
loop_
_pdbx_nmr_exptl_sample_conditions.conditions_id 
_pdbx_nmr_exptl_sample_conditions.temperature 
_pdbx_nmr_exptl_sample_conditions.pressure 
_pdbx_nmr_exptl_sample_conditions.pH 
_pdbx_nmr_exptl_sample_conditions.ionic_strength 
_pdbx_nmr_exptl_sample_conditions.pressure_units 
_pdbx_nmr_exptl_sample_conditions.temperature_units 
1 278 ambient 7.4 '5mM Tris-HCl' ? K 
2 298 ambient 7.4 '5mM Tris-HCl' ? K 
# 
loop_
_pdbx_nmr_exptl.experiment_id 
_pdbx_nmr_exptl.solution_id 
_pdbx_nmr_exptl.conditions_id 
_pdbx_nmr_exptl.type 
1 1 1 2D-TOCSY            
2 1 1 2D-NOESY            
3 1 1 DQF-COSY            
4 1 1 PE-COSY             
5 1 1 2D-113Cd-HSQC-TOCSY 
6 1 2 2D-TOCSY            
# 
_pdbx_nmr_details.entry_id   1J5M 
_pdbx_nmr_details.text       'HN-S hydrogen bonds were determined using a 2D long range 1H{113Cd} HMQC experiment' 
# 
_pdbx_nmr_refine.entry_id           1J5M 
_pdbx_nmr_refine.method             'Ab initio simulated annealing' 
_pdbx_nmr_refine.details            
;The structure is based on 276 distance restraints, 240 derived from NOE, 33 metal cluster 
restraints from 113Cd HSQC TOCSY and 6 restraints from HN-S hydrogen bonds. A total of 27 
dihedral angle restraints was applied, 13 phi, 10 chi1 and 4 Cys-Cd chi2 angles.  Methylene 
protons for which no stereospecific assignment could be obtained were treated with the 
floating chirality procedure in XPLOR.
;
_pdbx_nmr_refine.software_ordinal   1 
# 
loop_
_pdbx_nmr_software.name 
_pdbx_nmr_software.version 
_pdbx_nmr_software.classification 
_pdbx_nmr_software.authors 
_pdbx_nmr_software.ordinal 
XwinNMR 2.5   collection           Bruker         1 
XwinNMR 2.5   processing           Bruker         2 
Felix   2000  'data analysis'      MSI            3 
X-PLOR  3.851 'structure solution' 'Axel Brunger' 4 
MOLMOL  2k.1  'data analysis'      'Reto Koradi'  5 
X-PLOR  3.851 refinement           'Axel Brunger' 6 
# 
loop_
_chem_comp_atom.comp_id 
_chem_comp_atom.atom_id 
_chem_comp_atom.type_symbol 
_chem_comp_atom.pdbx_aromatic_flag 
_chem_comp_atom.pdbx_stereo_config 
_chem_comp_atom.pdbx_ordinal 
ALA N    N  N N 1   
ALA CA   C  N S 2   
ALA C    C  N N 3   
ALA O    O  N N 4   
ALA CB   C  N N 5   
ALA OXT  O  N N 6   
ALA H    H  N N 7   
ALA H2   H  N N 8   
ALA HA   H  N N 9   
ALA HB1  H  N N 10  
ALA HB2  H  N N 11  
ALA HB3  H  N N 12  
ALA HXT  H  N N 13  
ARG N    N  N N 14  
ARG CA   C  N S 15  
ARG C    C  N N 16  
ARG O    O  N N 17  
ARG CB   C  N N 18  
ARG CG   C  N N 19  
ARG CD   C  N N 20  
ARG NE   N  N N 21  
ARG CZ   C  N N 22  
ARG NH1  N  N N 23  
ARG NH2  N  N N 24  
ARG OXT  O  N N 25  
ARG H    H  N N 26  
ARG H2   H  N N 27  
ARG HA   H  N N 28  
ARG HB2  H  N N 29  
ARG HB3  H  N N 30  
ARG HG2  H  N N 31  
ARG HG3  H  N N 32  
ARG HD2  H  N N 33  
ARG HD3  H  N N 34  
ARG HE   H  N N 35  
ARG HH11 H  N N 36  
ARG HH12 H  N N 37  
ARG HH21 H  N N 38  
ARG HH22 H  N N 39  
ARG HXT  H  N N 40  
ASP N    N  N N 41  
ASP CA   C  N S 42  
ASP C    C  N N 43  
ASP O    O  N N 44  
ASP CB   C  N N 45  
ASP CG   C  N N 46  
ASP OD1  O  N N 47  
ASP OD2  O  N N 48  
ASP OXT  O  N N 49  
ASP H    H  N N 50  
ASP H2   H  N N 51  
ASP HA   H  N N 52  
ASP HB2  H  N N 53  
ASP HB3  H  N N 54  
ASP HD2  H  N N 55  
ASP HXT  H  N N 56  
CD  CD   CD N N 57  
CYS N    N  N N 58  
CYS CA   C  N R 59  
CYS C    C  N N 60  
CYS O    O  N N 61  
CYS CB   C  N N 62  
CYS SG   S  N N 63  
CYS OXT  O  N N 64  
CYS H    H  N N 65  
CYS H2   H  N N 66  
CYS HA   H  N N 67  
CYS HB2  H  N N 68  
CYS HB3  H  N N 69  
CYS HG   H  N N 70  
CYS HXT  H  N N 71  
GLU N    N  N N 72  
GLU CA   C  N S 73  
GLU C    C  N N 74  
GLU O    O  N N 75  
GLU CB   C  N N 76  
GLU CG   C  N N 77  
GLU CD   C  N N 78  
GLU OE1  O  N N 79  
GLU OE2  O  N N 80  
GLU OXT  O  N N 81  
GLU H    H  N N 82  
GLU H2   H  N N 83  
GLU HA   H  N N 84  
GLU HB2  H  N N 85  
GLU HB3  H  N N 86  
GLU HG2  H  N N 87  
GLU HG3  H  N N 88  
GLU HE2  H  N N 89  
GLU HXT  H  N N 90  
GLY N    N  N N 91  
GLY CA   C  N N 92  
GLY C    C  N N 93  
GLY O    O  N N 94  
GLY OXT  O  N N 95  
GLY H    H  N N 96  
GLY H2   H  N N 97  
GLY HA2  H  N N 98  
GLY HA3  H  N N 99  
GLY HXT  H  N N 100 
LYS N    N  N N 101 
LYS CA   C  N S 102 
LYS C    C  N N 103 
LYS O    O  N N 104 
LYS CB   C  N N 105 
LYS CG   C  N N 106 
LYS CD   C  N N 107 
LYS CE   C  N N 108 
LYS NZ   N  N N 109 
LYS OXT  O  N N 110 
LYS H    H  N N 111 
LYS H2   H  N N 112 
LYS HA   H  N N 113 
LYS HB2  H  N N 114 
LYS HB3  H  N N 115 
LYS HG2  H  N N 116 
LYS HG3  H  N N 117 
LYS HD2  H  N N 118 
LYS HD3  H  N N 119 
LYS HE2  H  N N 120 
LYS HE3  H  N N 121 
LYS HZ1  H  N N 122 
LYS HZ2  H  N N 123 
LYS HZ3  H  N N 124 
LYS HXT  H  N N 125 
PRO N    N  N N 126 
PRO CA   C  N S 127 
PRO C    C  N N 128 
PRO O    O  N N 129 
PRO CB   C  N N 130 
PRO CG   C  N N 131 
PRO CD   C  N N 132 
PRO OXT  O  N N 133 
PRO H    H  N N 134 
PRO HA   H  N N 135 
PRO HB2  H  N N 136 
PRO HB3  H  N N 137 
PRO HG2  H  N N 138 
PRO HG3  H  N N 139 
PRO HD2  H  N N 140 
PRO HD3  H  N N 141 
PRO HXT  H  N N 142 
SER N    N  N N 143 
SER CA   C  N S 144 
SER C    C  N N 145 
SER O    O  N N 146 
SER CB   C  N N 147 
SER OG   O  N N 148 
SER OXT  O  N N 149 
SER H    H  N N 150 
SER H2   H  N N 151 
SER HA   H  N N 152 
SER HB2  H  N N 153 
SER HB3  H  N N 154 
SER HG   H  N N 155 
SER HXT  H  N N 156 
THR N    N  N N 157 
THR CA   C  N S 158 
THR C    C  N N 159 
THR O    O  N N 160 
THR CB   C  N R 161 
THR OG1  O  N N 162 
THR CG2  C  N N 163 
THR OXT  O  N N 164 
THR H    H  N N 165 
THR H2   H  N N 166 
THR HA   H  N N 167 
THR HB   H  N N 168 
THR HG1  H  N N 169 
THR HG21 H  N N 170 
THR HG22 H  N N 171 
THR HG23 H  N N 172 
THR HXT  H  N N 173 
# 
loop_
_chem_comp_bond.comp_id 
_chem_comp_bond.atom_id_1 
_chem_comp_bond.atom_id_2 
_chem_comp_bond.value_order 
_chem_comp_bond.pdbx_aromatic_flag 
_chem_comp_bond.pdbx_stereo_config 
_chem_comp_bond.pdbx_ordinal 
ALA N   CA   sing N N 1   
ALA N   H    sing N N 2   
ALA N   H2   sing N N 3   
ALA CA  C    sing N N 4   
ALA CA  CB   sing N N 5   
ALA CA  HA   sing N N 6   
ALA C   O    doub N N 7   
ALA C   OXT  sing N N 8   
ALA CB  HB1  sing N N 9   
ALA CB  HB2  sing N N 10  
ALA CB  HB3  sing N N 11  
ALA OXT HXT  sing N N 12  
ARG N   CA   sing N N 13  
ARG N   H    sing N N 14  
ARG N   H2   sing N N 15  
ARG CA  C    sing N N 16  
ARG CA  CB   sing N N 17  
ARG CA  HA   sing N N 18  
ARG C   O    doub N N 19  
ARG C   OXT  sing N N 20  
ARG CB  CG   sing N N 21  
ARG CB  HB2  sing N N 22  
ARG CB  HB3  sing N N 23  
ARG CG  CD   sing N N 24  
ARG CG  HG2  sing N N 25  
ARG CG  HG3  sing N N 26  
ARG CD  NE   sing N N 27  
ARG CD  HD2  sing N N 28  
ARG CD  HD3  sing N N 29  
ARG NE  CZ   sing N N 30  
ARG NE  HE   sing N N 31  
ARG CZ  NH1  sing N N 32  
ARG CZ  NH2  doub N N 33  
ARG NH1 HH11 sing N N 34  
ARG NH1 HH12 sing N N 35  
ARG NH2 HH21 sing N N 36  
ARG NH2 HH22 sing N N 37  
ARG OXT HXT  sing N N 38  
ASP N   CA   sing N N 39  
ASP N   H    sing N N 40  
ASP N   H2   sing N N 41  
ASP CA  C    sing N N 42  
ASP CA  CB   sing N N 43  
ASP CA  HA   sing N N 44  
ASP C   O    doub N N 45  
ASP C   OXT  sing N N 46  
ASP CB  CG   sing N N 47  
ASP CB  HB2  sing N N 48  
ASP CB  HB3  sing N N 49  
ASP CG  OD1  doub N N 50  
ASP CG  OD2  sing N N 51  
ASP OD2 HD2  sing N N 52  
ASP OXT HXT  sing N N 53  
CYS N   CA   sing N N 54  
CYS N   H    sing N N 55  
CYS N   H2   sing N N 56  
CYS CA  C    sing N N 57  
CYS CA  CB   sing N N 58  
CYS CA  HA   sing N N 59  
CYS C   O    doub N N 60  
CYS C   OXT  sing N N 61  
CYS CB  SG   sing N N 62  
CYS CB  HB2  sing N N 63  
CYS CB  HB3  sing N N 64  
CYS SG  HG   sing N N 65  
CYS OXT HXT  sing N N 66  
GLU N   CA   sing N N 67  
GLU N   H    sing N N 68  
GLU N   H2   sing N N 69  
GLU CA  C    sing N N 70  
GLU CA  CB   sing N N 71  
GLU CA  HA   sing N N 72  
GLU C   O    doub N N 73  
GLU C   OXT  sing N N 74  
GLU CB  CG   sing N N 75  
GLU CB  HB2  sing N N 76  
GLU CB  HB3  sing N N 77  
GLU CG  CD   sing N N 78  
GLU CG  HG2  sing N N 79  
GLU CG  HG3  sing N N 80  
GLU CD  OE1  doub N N 81  
GLU CD  OE2  sing N N 82  
GLU OE2 HE2  sing N N 83  
GLU OXT HXT  sing N N 84  
GLY N   CA   sing N N 85  
GLY N   H    sing N N 86  
GLY N   H2   sing N N 87  
GLY CA  C    sing N N 88  
GLY CA  HA2  sing N N 89  
GLY CA  HA3  sing N N 90  
GLY C   O    doub N N 91  
GLY C   OXT  sing N N 92  
GLY OXT HXT  sing N N 93  
LYS N   CA   sing N N 94  
LYS N   H    sing N N 95  
LYS N   H2   sing N N 96  
LYS CA  C    sing N N 97  
LYS CA  CB   sing N N 98  
LYS CA  HA   sing N N 99  
LYS C   O    doub N N 100 
LYS C   OXT  sing N N 101 
LYS CB  CG   sing N N 102 
LYS CB  HB2  sing N N 103 
LYS CB  HB3  sing N N 104 
LYS CG  CD   sing N N 105 
LYS CG  HG2  sing N N 106 
LYS CG  HG3  sing N N 107 
LYS CD  CE   sing N N 108 
LYS CD  HD2  sing N N 109 
LYS CD  HD3  sing N N 110 
LYS CE  NZ   sing N N 111 
LYS CE  HE2  sing N N 112 
LYS CE  HE3  sing N N 113 
LYS NZ  HZ1  sing N N 114 
LYS NZ  HZ2  sing N N 115 
LYS NZ  HZ3  sing N N 116 
LYS OXT HXT  sing N N 117 
PRO N   CA   sing N N 118 
PRO N   CD   sing N N 119 
PRO N   H    sing N N 120 
PRO CA  C    sing N N 121 
PRO CA  CB   sing N N 122 
PRO CA  HA   sing N N 123 
PRO C   O    doub N N 124 
PRO C   OXT  sing N N 125 
PRO CB  CG   sing N N 126 
PRO CB  HB2  sing N N 127 
PRO CB  HB3  sing N N 128 
PRO CG  CD   sing N N 129 
PRO CG  HG2  sing N N 130 
PRO CG  HG3  sing N N 131 
PRO CD  HD2  sing N N 132 
PRO CD  HD3  sing N N 133 
PRO OXT HXT  sing N N 134 
SER N   CA   sing N N 135 
SER N   H    sing N N 136 
SER N   H2   sing N N 137 
SER CA  C    sing N N 138 
SER CA  CB   sing N N 139 
SER CA  HA   sing N N 140 
SER C   O    doub N N 141 
SER C   OXT  sing N N 142 
SER CB  OG   sing N N 143 
SER CB  HB2  sing N N 144 
SER CB  HB3  sing N N 145 
SER OG  HG   sing N N 146 
SER OXT HXT  sing N N 147 
THR N   CA   sing N N 148 
THR N   H    sing N N 149 
THR N   H2   sing N N 150 
THR CA  C    sing N N 151 
THR CA  CB   sing N N 152 
THR CA  HA   sing N N 153 
THR C   O    doub N N 154 
THR C   OXT  sing N N 155 
THR CB  OG1  sing N N 156 
THR CB  CG2  sing N N 157 
THR CB  HB   sing N N 158 
THR OG1 HG1  sing N N 159 
THR CG2 HG21 sing N N 160 
THR CG2 HG22 sing N N 161 
THR CG2 HG23 sing N N 162 
THR OXT HXT  sing N N 163 
# 
loop_
_pdbx_nmr_spectrometer.spectrometer_id 
_pdbx_nmr_spectrometer.type 
_pdbx_nmr_spectrometer.manufacturer 
_pdbx_nmr_spectrometer.model 
_pdbx_nmr_spectrometer.field_strength 
1 ? Bruker DRX 500 
2 ? Bruker DPX 300 
# 
_atom_sites.entry_id                    1J5M 
_atom_sites.fract_transf_matrix[1][1]   1.000000 
_atom_sites.fract_transf_matrix[1][2]   0.000000 
_atom_sites.fract_transf_matrix[1][3]   0.000000 
_atom_sites.fract_transf_matrix[2][1]   0.000000 
_atom_sites.fract_transf_matrix[2][2]   1.000000 
_atom_sites.fract_transf_matrix[2][3]   0.000000 
_atom_sites.fract_transf_matrix[3][1]   0.000000 
_atom_sites.fract_transf_matrix[3][2]   0.000000 
_atom_sites.fract_transf_matrix[3][3]   1.000000 
_atom_sites.fract_transf_vector[1]      0.00000 
_atom_sites.fract_transf_vector[2]      0.00000 
_atom_sites.fract_transf_vector[3]      0.00000 
# 
loop_
_atom_type.symbol 
C  
CD 
H  
N  
O  
S  
# 
loop_
_atom_site.group_PDB 
_atom_site.id 
_atom_site.type_symbol 
_atom_site.label_atom_id 
_atom_site.label_alt_id 
_atom_site.label_comp_id 
_atom_site.label_asym_id 
_atom_site.label_entity_id 
_atom_site.label_seq_id 
_atom_site.pdbx_PDB_ins_code 
_atom_site.Cartn_x 
_atom_site.Cartn_y 
_atom_site.Cartn_z 
_atom_site.occupancy 
_atom_site.B_iso_or_equiv 
_atom_site.pdbx_formal_charge 
_atom_site.auth_seq_id 
_atom_site.auth_comp_id 
_atom_site.auth_asym_id 
_atom_site.auth_atom_id 
_atom_site.pdbx_PDB_model_num 
ATOM   1   N  N    . PRO A 1 1  ? -11.014 1.884  -2.554  1.00 2.13 ? 1  PRO A N    1 
ATOM   2   C  CA   . PRO A 1 1  ? -10.094 2.106  -1.395  1.00 1.50 ? 1  PRO A CA   1 
ATOM   3   C  C    . PRO A 1 1  ? -8.771  1.377  -1.640  1.00 1.15 ? 1  PRO A C    1 
ATOM   4   O  O    . PRO A 1 1  ? -8.715  0.398  -2.358  1.00 1.97 ? 1  PRO A O    1 
ATOM   5   C  CB   . PRO A 1 1  ? -10.764 1.551  -0.139  1.00 2.10 ? 1  PRO A CB   1 
ATOM   6   C  CG   . PRO A 1 1  ? -12.115 0.985  -0.559  1.00 2.61 ? 1  PRO A CG   1 
ATOM   7   C  CD   . PRO A 1 1  ? -12.250 1.200  -2.065  1.00 2.63 ? 1  PRO A CD   1 
ATOM   8   H  H2   . PRO A 1 1  ? -10.545 1.285  -3.262  1.00 2.45 ? 1  PRO A H2   1 
ATOM   9   H  H3   . PRO A 1 1  ? -11.264 2.799  -2.980  1.00 2.60 ? 1  PRO A H3   1 
ATOM   10  H  HA   . PRO A 1 1  ? -9.911  3.162  -1.271  1.00 1.98 ? 1  PRO A HA   1 
ATOM   11  H  HB2  . PRO A 1 1  ? -10.154 0.769  0.288   1.00 2.58 ? 1  PRO A HB2  1 
ATOM   12  H  HB3  . PRO A 1 1  ? -10.905 2.342  0.582   1.00 2.57 ? 1  PRO A HB3  1 
ATOM   13  H  HG2  . PRO A 1 1  ? -12.157 -0.071 -0.333  1.00 3.21 ? 1  PRO A HG2  1 
ATOM   14  H  HG3  . PRO A 1 1  ? -12.907 1.503  -0.040  1.00 3.08 ? 1  PRO A HG3  1 
ATOM   15  H  HD2  . PRO A 1 1  ? -12.361 0.248  -2.561  1.00 3.21 ? 1  PRO A HD2  1 
ATOM   16  H  HD3  . PRO A 1 1  ? -13.112 1.819  -2.268  1.00 3.15 ? 1  PRO A HD3  1 
ATOM   17  N  N    . GLY A 1 2  ? -7.707  1.846  -1.049  1.00 0.76 ? 2  GLY A N    1 
ATOM   18  C  CA   . GLY A 1 2  ? -6.389  1.179  -1.250  1.00 0.52 ? 2  GLY A CA   1 
ATOM   19  C  C    . GLY A 1 2  ? -6.043  1.170  -2.742  1.00 0.52 ? 2  GLY A C    1 
ATOM   20  O  O    . GLY A 1 2  ? -6.395  0.249  -3.451  1.00 0.54 ? 2  GLY A O    1 
ATOM   21  H  H    . GLY A 1 2  ? -7.773  2.636  -0.474  1.00 1.47 ? 2  GLY A H    1 
ATOM   22  H  HA2  . GLY A 1 2  ? -5.627  1.718  -0.708  1.00 1.04 ? 2  GLY A HA2  1 
ATOM   23  H  HA3  . GLY A 1 2  ? -6.440  0.164  -0.886  1.00 1.10 ? 2  GLY A HA3  1 
ATOM   24  N  N    . PRO A 1 3  ? -5.363  2.203  -3.172  1.00 0.52 ? 3  PRO A N    1 
ATOM   25  C  CA   . PRO A 1 3  ? -4.947  2.354  -4.579  1.00 0.54 ? 3  PRO A CA   1 
ATOM   26  C  C    . PRO A 1 3  ? -3.659  1.566  -4.849  1.00 0.49 ? 3  PRO A C    1 
ATOM   27  O  O    . PRO A 1 3  ? -2.872  1.924  -5.703  1.00 0.80 ? 3  PRO A O    1 
ATOM   28  C  CB   . PRO A 1 3  ? -4.685  3.857  -4.708  1.00 0.57 ? 3  PRO A CB   1 
ATOM   29  C  CG   . PRO A 1 3  ? -4.397  4.376  -3.276  1.00 0.57 ? 3  PRO A CG   1 
ATOM   30  C  CD   . PRO A 1 3  ? -4.951  3.321  -2.298  1.00 0.54 ? 3  PRO A CD   1 
ATOM   31  H  HA   . PRO A 1 3  ? -5.734  2.054  -5.250  1.00 0.57 ? 3  PRO A HA   1 
ATOM   32  H  HB2  . PRO A 1 3  ? -3.829  4.029  -5.344  1.00 1.05 ? 3  PRO A HB2  1 
ATOM   33  H  HB3  . PRO A 1 3  ? -5.555  4.351  -5.114  1.00 1.07 ? 3  PRO A HB3  1 
ATOM   34  H  HG2  . PRO A 1 3  ? -3.332  4.490  -3.131  1.00 1.02 ? 3  PRO A HG2  1 
ATOM   35  H  HG3  . PRO A 1 3  ? -4.893  5.322  -3.120  1.00 1.06 ? 3  PRO A HG3  1 
ATOM   36  H  HD2  . PRO A 1 3  ? -4.178  3.002  -1.608  1.00 0.51 ? 3  PRO A HD2  1 
ATOM   37  H  HD3  . PRO A 1 3  ? -5.801  3.713  -1.760  1.00 0.59 ? 3  PRO A HD3  1 
ATOM   38  N  N    . CYS A 1 4  ? -3.426  0.512  -4.118  1.00 0.22 ? 4  CYS A N    1 
ATOM   39  C  CA   . CYS A 1 4  ? -2.177  -0.277 -4.321  1.00 0.16 ? 4  CYS A CA   1 
ATOM   40  C  C    . CYS A 1 4  ? -2.214  -1.520 -3.449  1.00 0.19 ? 4  CYS A C    1 
ATOM   41  O  O    . CYS A 1 4  ? -3.201  -1.818 -2.805  1.00 0.37 ? 4  CYS A O    1 
ATOM   42  C  CB   . CYS A 1 4  ? -0.977  0.558  -3.876  1.00 0.15 ? 4  CYS A CB   1 
ATOM   43  S  SG   . CYS A 1 4  ? -1.462  1.534  -2.432  1.00 0.24 ? 4  CYS A SG   1 
ATOM   44  H  H    . CYS A 1 4  ? -4.059  0.248  -3.422  1.00 0.33 ? 4  CYS A H    1 
ATOM   45  H  HA   . CYS A 1 4  ? -2.071  -0.551 -5.359  1.00 0.17 ? 4  CYS A HA   1 
ATOM   46  H  HB2  . CYS A 1 4  ? -0.156  -0.094 -3.615  1.00 0.88 ? 4  CYS A HB2  1 
ATOM   47  H  HB3  . CYS A 1 4  ? -0.677  1.218  -4.676  1.00 0.86 ? 4  CYS A HB3  1 
ATOM   48  N  N    . CYS A 1 5  ? -1.120  -2.220 -3.395  1.00 0.16 ? 5  CYS A N    1 
ATOM   49  C  CA   . CYS A 1 5  ? -1.044  -3.422 -2.535  1.00 0.16 ? 5  CYS A CA   1 
ATOM   50  C  C    . CYS A 1 5  ? -2.348  -4.215 -2.610  1.00 0.20 ? 5  CYS A C    1 
ATOM   51  O  O    . CYS A 1 5  ? -2.725  -4.898 -1.679  1.00 0.27 ? 5  CYS A O    1 
ATOM   52  C  CB   . CYS A 1 5  ? -0.786  -2.961 -1.104  1.00 0.14 ? 5  CYS A CB   1 
ATOM   53  S  SG   . CYS A 1 5  ? 0.736   -1.981 -1.082  1.00 0.11 ? 5  CYS A SG   1 
ATOM   54  H  H    . CYS A 1 5  ? -0.332  -1.933 -3.902  1.00 0.28 ? 5  CYS A H    1 
ATOM   55  H  HA   . CYS A 1 5  ? -0.225  -4.045 -2.862  1.00 0.17 ? 5  CYS A HA   1 
ATOM   56  H  HB2  . CYS A 1 5  ? -1.615  -2.364 -0.754  1.00 0.88 ? 5  CYS A HB2  1 
ATOM   57  H  HB3  . CYS A 1 5  ? -0.661  -3.825 -0.472  1.00 0.91 ? 5  CYS A HB3  1 
ATOM   58  N  N    . LYS A 1 6  ? -3.034  -4.143 -3.717  1.00 0.25 ? 6  LYS A N    1 
ATOM   59  C  CA   . LYS A 1 6  ? -4.303  -4.906 -3.854  1.00 0.29 ? 6  LYS A CA   1 
ATOM   60  C  C    . LYS A 1 6  ? -3.973  -6.347 -4.246  1.00 0.35 ? 6  LYS A C    1 
ATOM   61  O  O    . LYS A 1 6  ? -4.818  -7.219 -4.215  1.00 0.47 ? 6  LYS A O    1 
ATOM   62  C  CB   . LYS A 1 6  ? -5.171  -4.265 -4.939  1.00 0.31 ? 6  LYS A CB   1 
ATOM   63  C  CG   . LYS A 1 6  ? -4.303  -3.918 -6.149  1.00 1.31 ? 6  LYS A CG   1 
ATOM   64  C  CD   . LYS A 1 6  ? -5.030  -4.325 -7.433  1.00 1.67 ? 6  LYS A CD   1 
ATOM   65  C  CE   . LYS A 1 6  ? -5.549  -3.073 -8.142  1.00 2.40 ? 6  LYS A CE   1 
ATOM   66  N  NZ   . LYS A 1 6  ? -4.398  -2.229 -8.569  1.00 3.03 ? 6  LYS A NZ   1 
ATOM   67  H  H    . LYS A 1 6  ? -2.707  -3.595 -4.461  1.00 0.30 ? 6  LYS A H    1 
ATOM   68  H  HA   . LYS A 1 6  ? -4.833  -4.898 -2.913  1.00 0.33 ? 6  LYS A HA   1 
ATOM   69  H  HB2  . LYS A 1 6  ? -5.944  -4.958 -5.237  1.00 0.37 ? 6  LYS A HB2  1 
ATOM   70  H  HB3  . LYS A 1 6  ? -5.626  -3.364 -4.551  1.00 0.94 ? 6  LYS A HB3  1 
ATOM   71  H  HG2  . LYS A 1 6  ? -4.114  -2.854 -6.164  1.00 1.95 ? 6  LYS A HG2  1 
ATOM   72  H  HG3  . LYS A 1 6  ? -3.365  -4.450 -6.083  1.00 1.94 ? 6  LYS A HG3  1 
ATOM   73  H  HD2  . LYS A 1 6  ? -4.346  -4.850 -8.083  1.00 2.01 ? 6  LYS A HD2  1 
ATOM   74  H  HD3  . LYS A 1 6  ? -5.860  -4.970 -7.187  1.00 2.06 ? 6  LYS A HD3  1 
ATOM   75  H  HE2  . LYS A 1 6  ? -6.124  -3.364 -9.009  1.00 2.83 ? 6  LYS A HE2  1 
ATOM   76  H  HE3  . LYS A 1 6  ? -6.177  -2.511 -7.467  1.00 2.81 ? 6  LYS A HE3  1 
ATOM   77  H  HZ1  . LYS A 1 6  ? -4.497  -1.990 -9.575  1.00 3.38 ? 6  LYS A HZ1  1 
ATOM   78  H  HZ2  . LYS A 1 6  ? -3.511  -2.754 -8.422  1.00 3.35 ? 6  LYS A HZ2  1 
ATOM   79  H  HZ3  . LYS A 1 6  ? -4.380  -1.356 -8.006  1.00 3.42 ? 6  LYS A HZ3  1 
ATOM   80  N  N    . ASP A 1 7  ? -2.746  -6.601 -4.616  1.00 0.35 ? 7  ASP A N    1 
ATOM   81  C  CA   . ASP A 1 7  ? -2.354  -7.979 -5.012  1.00 0.46 ? 7  ASP A CA   1 
ATOM   82  C  C    . ASP A 1 7  ? -1.042  -8.362 -4.322  1.00 0.39 ? 7  ASP A C    1 
ATOM   83  O  O    . ASP A 1 7  ? -0.834  -9.502 -3.957  1.00 0.76 ? 7  ASP A O    1 
ATOM   84  C  CB   . ASP A 1 7  ? -2.165  -8.030 -6.528  1.00 0.71 ? 7  ASP A CB   1 
ATOM   85  C  CG   . ASP A 1 7  ? -3.488  -8.404 -7.197  1.00 0.89 ? 7  ASP A CG   1 
ATOM   86  O  OD1  . ASP A 1 7  ? -4.508  -7.874 -6.786  1.00 1.46 ? 7  ASP A OD1  1 
ATOM   87  O  OD2  . ASP A 1 7  ? -3.461  -9.215 -8.108  1.00 1.56 ? 7  ASP A OD2  1 
ATOM   88  H  H    . ASP A 1 7  ? -2.082  -5.882 -4.636  1.00 0.34 ? 7  ASP A H    1 
ATOM   89  H  HA   . ASP A 1 7  ? -3.130  -8.672 -4.723  1.00 0.60 ? 7  ASP A HA   1 
ATOM   90  H  HB2  . ASP A 1 7  ? -1.844  -7.061 -6.883  1.00 1.50 ? 7  ASP A HB2  1 
ATOM   91  H  HB3  . ASP A 1 7  ? -1.416  -8.766 -6.770  1.00 0.66 ? 7  ASP A HB3  1 
ATOM   92  N  N    . LYS A 1 8  ? -0.151  -7.423 -4.141  1.00 0.31 ? 8  LYS A N    1 
ATOM   93  C  CA   . LYS A 1 8  ? 1.144   -7.748 -3.477  1.00 0.35 ? 8  LYS A CA   1 
ATOM   94  C  C    . LYS A 1 8  ? 1.493   -6.664 -2.446  1.00 0.29 ? 8  LYS A C    1 
ATOM   95  O  O    . LYS A 1 8  ? 0.930   -6.625 -1.371  1.00 0.36 ? 8  LYS A O    1 
ATOM   96  C  CB   . LYS A 1 8  ? 2.247   -7.839 -4.535  1.00 0.62 ? 8  LYS A CB   1 
ATOM   97  C  CG   . LYS A 1 8  ? 2.012   -6.774 -5.609  1.00 1.25 ? 8  LYS A CG   1 
ATOM   98  C  CD   . LYS A 1 8  ? 1.373   -7.424 -6.839  1.00 1.99 ? 8  LYS A CD   1 
ATOM   99  C  CE   . LYS A 1 8  ? 2.128   -6.988 -8.096  1.00 2.57 ? 8  LYS A CE   1 
ATOM   100 N  NZ   . LYS A 1 8  ? 1.328   -7.338 -9.303  1.00 3.24 ? 8  LYS A NZ   1 
ATOM   101 H  H    . LYS A 1 8  ? -0.332  -6.509 -4.443  1.00 0.59 ? 8  LYS A H    1 
ATOM   102 H  HA   . LYS A 1 8  ? 1.056   -8.700 -2.974  1.00 0.41 ? 8  LYS A HA   1 
ATOM   103 H  HB2  . LYS A 1 8  ? 3.207   -7.673 -4.069  1.00 0.63 ? 8  LYS A HB2  1 
ATOM   104 H  HB3  . LYS A 1 8  ? 2.231   -8.818 -4.988  1.00 1.21 ? 8  LYS A HB3  1 
ATOM   105 H  HG2  . LYS A 1 8  ? 1.353   -6.012 -5.222  1.00 1.68 ? 8  LYS A HG2  1 
ATOM   106 H  HG3  . LYS A 1 8  ? 2.955   -6.328 -5.887  1.00 1.68 ? 8  LYS A HG3  1 
ATOM   107 H  HD2  . LYS A 1 8  ? 1.422   -8.498 -6.744  1.00 2.46 ? 8  LYS A HD2  1 
ATOM   108 H  HD3  . LYS A 1 8  ? 0.341   -7.116 -6.914  1.00 2.46 ? 8  LYS A HD3  1 
ATOM   109 H  HE2  . LYS A 1 8  ? 2.287   -5.919 -8.067  1.00 2.81 ? 8  LYS A HE2  1 
ATOM   110 H  HE3  . LYS A 1 8  ? 3.082   -7.492 -8.137  1.00 3.03 ? 8  LYS A HE3  1 
ATOM   111 H  HZ1  . LYS A 1 8  ? 1.964   -7.652 -10.062 1.00 3.57 ? 8  LYS A HZ1  1 
ATOM   112 H  HZ2  . LYS A 1 8  ? 0.795   -6.502 -9.620  1.00 3.65 ? 8  LYS A HZ2  1 
ATOM   113 H  HZ3  . LYS A 1 8  ? 0.665   -8.104 -9.069  1.00 3.54 ? 8  LYS A HZ3  1 
ATOM   114 N  N    . CYS A 1 9  ? 2.414   -5.787 -2.759  1.00 0.21 ? 9  CYS A N    1 
ATOM   115 C  CA   . CYS A 1 9  ? 2.790   -4.721 -1.791  1.00 0.16 ? 9  CYS A CA   1 
ATOM   116 C  C    . CYS A 1 9  ? 3.965   -3.911 -2.361  1.00 0.20 ? 9  CYS A C    1 
ATOM   117 O  O    . CYS A 1 9  ? 4.780   -4.424 -3.101  1.00 0.31 ? 9  CYS A O    1 
ATOM   118 C  CB   . CYS A 1 9  ? 3.187   -5.370 -0.460  1.00 0.10 ? 9  CYS A CB   1 
ATOM   119 S  SG   . CYS A 1 9  ? 3.816   -4.117 0.684   1.00 0.09 ? 9  CYS A SG   1 
ATOM   120 H  H    . CYS A 1 9  ? 2.858   -5.827 -3.623  1.00 0.24 ? 9  CYS A H    1 
ATOM   121 H  HA   . CYS A 1 9  ? 1.949   -4.072 -1.640  1.00 0.20 ? 9  CYS A HA   1 
ATOM   122 H  HB2  . CYS A 1 9  ? 2.323   -5.849 -0.026  1.00 0.73 ? 9  CYS A HB2  1 
ATOM   123 H  HB3  . CYS A 1 9  ? 3.954   -6.109 -0.639  1.00 0.72 ? 9  CYS A HB3  1 
ATOM   124 N  N    . GLU A 1 10 ? 4.051   -2.644 -2.035  1.00 0.19 ? 10 GLU A N    1 
ATOM   125 C  CA   . GLU A 1 10 ? 5.165   -1.805 -2.573  1.00 0.24 ? 10 GLU A CA   1 
ATOM   126 C  C    . GLU A 1 10 ? 5.718   -0.908 -1.463  1.00 0.17 ? 10 GLU A C    1 
ATOM   127 O  O    . GLU A 1 10 ? 6.750   -1.187 -0.886  1.00 0.22 ? 10 GLU A O    1 
ATOM   128 C  CB   . GLU A 1 10 ? 4.634   -0.934 -3.714  1.00 0.37 ? 10 GLU A CB   1 
ATOM   129 C  CG   . GLU A 1 10 ? 4.014   -1.827 -4.790  1.00 0.61 ? 10 GLU A CG   1 
ATOM   130 C  CD   . GLU A 1 10 ? 4.806   -1.682 -6.091  1.00 1.30 ? 10 GLU A CD   1 
ATOM   131 O  OE1  . GLU A 1 10 ? 5.920   -2.177 -6.141  1.00 1.92 ? 10 GLU A OE1  1 
ATOM   132 O  OE2  . GLU A 1 10 ? 4.284   -1.080 -7.015  1.00 1.96 ? 10 GLU A OE2  1 
ATOM   133 H  H    . GLU A 1 10 ? 3.380   -2.245 -1.443  1.00 0.21 ? 10 GLU A H    1 
ATOM   134 H  HA   . GLU A 1 10 ? 5.954   -2.439 -2.946  1.00 0.30 ? 10 GLU A HA   1 
ATOM   135 H  HB2  . GLU A 1 10 ? 3.884   -0.259 -3.332  1.00 0.67 ? 10 GLU A HB2  1 
ATOM   136 H  HB3  . GLU A 1 10 ? 5.446   -0.365 -4.141  1.00 0.67 ? 10 GLU A HB3  1 
ATOM   137 H  HG2  . GLU A 1 10 ? 4.042   -2.856 -4.463  1.00 1.14 ? 10 GLU A HG2  1 
ATOM   138 H  HG3  . GLU A 1 10 ? 2.989   -1.530 -4.956  1.00 1.02 ? 10 GLU A HG3  1 
ATOM   139 N  N    . CYS A 1 11 ? 5.033   0.158  -1.149  1.00 0.12 ? 11 CYS A N    1 
ATOM   140 C  CA   . CYS A 1 11 ? 5.508   1.056  -0.067  1.00 0.12 ? 11 CYS A CA   1 
ATOM   141 C  C    . CYS A 1 11 ? 6.974   1.426  -0.280  1.00 0.17 ? 11 CYS A C    1 
ATOM   142 O  O    . CYS A 1 11 ? 7.657   1.844  0.635   1.00 0.28 ? 11 CYS A O    1 
ATOM   143 C  CB   . CYS A 1 11 ? 5.388   0.297  1.225   1.00 0.13 ? 11 CYS A CB   1 
ATOM   144 S  SG   . CYS A 1 11 ? 5.066   1.442  2.587   1.00 0.17 ? 11 CYS A SG   1 
ATOM   145 H  H    . CYS A 1 11 ? 4.200   0.353  -1.603  1.00 0.15 ? 11 CYS A H    1 
ATOM   146 H  HA   . CYS A 1 11 ? 4.900   1.946  -0.027  1.00 0.15 ? 11 CYS A HA   1 
ATOM   147 H  HB2  . CYS A 1 11 ? 4.572   -0.405 1.138   1.00 0.13 ? 11 CYS A HB2  1 
ATOM   148 H  HB3  . CYS A 1 11 ? 6.306   -0.235 1.388   1.00 0.15 ? 11 CYS A HB3  1 
ATOM   149 N  N    . ALA A 1 12 ? 7.468   1.268  -1.466  1.00 0.18 ? 12 ALA A N    1 
ATOM   150 C  CA   . ALA A 1 12 ? 8.900   1.603  -1.721  1.00 0.26 ? 12 ALA A CA   1 
ATOM   151 C  C    . ALA A 1 12 ? 8.992   2.658  -2.820  1.00 0.22 ? 12 ALA A C    1 
ATOM   152 O  O    . ALA A 1 12 ? 9.707   3.634  -2.704  1.00 0.33 ? 12 ALA A O    1 
ATOM   153 C  CB   . ALA A 1 12 ? 9.648   0.343  -2.161  1.00 0.33 ? 12 ALA A CB   1 
ATOM   154 H  H    . ALA A 1 12 ? 6.900   0.923  -2.187  1.00 0.20 ? 12 ALA A H    1 
ATOM   155 H  HA   . ALA A 1 12 ? 9.345   1.987  -0.816  1.00 0.34 ? 12 ALA A HA   1 
ATOM   156 H  HB1  . ALA A 1 12 ? 10.646  0.355  -1.751  1.00 1.05 ? 12 ALA A HB1  1 
ATOM   157 H  HB2  . ALA A 1 12 ? 9.702   0.314  -3.239  1.00 1.08 ? 12 ALA A HB2  1 
ATOM   158 H  HB3  . ALA A 1 12 ? 9.123   -0.530 -1.804  1.00 1.08 ? 12 ALA A HB3  1 
ATOM   159 N  N    . GLU A 1 13 ? 8.270   2.468  -3.882  1.00 0.14 ? 13 GLU A N    1 
ATOM   160 C  CA   . GLU A 1 13 ? 8.298   3.444  -4.995  1.00 0.19 ? 13 GLU A CA   1 
ATOM   161 C  C    . GLU A 1 13 ? 7.106   4.378  -4.848  1.00 0.30 ? 13 GLU A C    1 
ATOM   162 O  O    . GLU A 1 13 ? 6.528   4.831  -5.816  1.00 0.78 ? 13 GLU A O    1 
ATOM   163 C  CB   . GLU A 1 13 ? 8.184   2.679  -6.304  1.00 0.26 ? 13 GLU A CB   1 
ATOM   164 C  CG   . GLU A 1 13 ? 8.185   3.666  -7.463  1.00 1.19 ? 13 GLU A CG   1 
ATOM   165 C  CD   . GLU A 1 13 ? 8.728   2.983  -8.720  1.00 1.45 ? 13 GLU A CD   1 
ATOM   166 O  OE1  . GLU A 1 13 ? 9.761   2.343  -8.623  1.00 1.83 ? 13 GLU A OE1  1 
ATOM   167 O  OE2  . GLU A 1 13 ? 8.099   3.111  -9.758  1.00 2.01 ? 13 GLU A OE2  1 
ATOM   168 H  H    . GLU A 1 13 ? 7.700   1.678  -3.952  1.00 0.15 ? 13 GLU A H    1 
ATOM   169 H  HA   . GLU A 1 13 ? 9.219   4.007  -4.974  1.00 0.28 ? 13 GLU A HA   1 
ATOM   170 H  HB2  . GLU A 1 13 ? 9.016   2.004  -6.394  1.00 0.32 ? 13 GLU A HB2  1 
ATOM   171 H  HB3  . GLU A 1 13 ? 7.262   2.117  -6.312  1.00 0.65 ? 13 GLU A HB3  1 
ATOM   172 H  HG2  . GLU A 1 13 ? 7.177   4.005  -7.641  1.00 1.70 ? 13 GLU A HG2  1 
ATOM   173 H  HG3  . GLU A 1 13 ? 8.810   4.509  -7.212  1.00 1.81 ? 13 GLU A HG3  1 
ATOM   174 N  N    . GLY A 1 14 ? 6.709   4.632  -3.638  1.00 0.33 ? 14 GLY A N    1 
ATOM   175 C  CA   . GLY A 1 14 ? 5.521   5.497  -3.416  1.00 0.38 ? 14 GLY A CA   1 
ATOM   176 C  C    . GLY A 1 14 ? 4.280   4.660  -3.730  1.00 0.49 ? 14 GLY A C    1 
ATOM   177 O  O    . GLY A 1 14 ? 3.172   5.153  -3.790  1.00 0.70 ? 14 GLY A O    1 
ATOM   178 H  H    . GLY A 1 14 ? 7.174   4.222  -2.879  1.00 0.65 ? 14 GLY A H    1 
ATOM   179 H  HA2  . GLY A 1 14 ? 5.492   5.825  -2.389  1.00 0.45 ? 14 GLY A HA2  1 
ATOM   180 H  HA3  . GLY A 1 14 ? 5.562   6.354  -4.075  1.00 0.75 ? 14 GLY A HA3  1 
ATOM   181 N  N    . GLY A 1 15 ? 4.482   3.385  -3.940  1.00 0.53 ? 15 GLY A N    1 
ATOM   182 C  CA   . GLY A 1 15 ? 3.361   2.467  -4.262  1.00 0.88 ? 15 GLY A CA   1 
ATOM   183 C  C    . GLY A 1 15 ? 2.118   2.792  -3.428  1.00 0.63 ? 15 GLY A C    1 
ATOM   184 O  O    . GLY A 1 15 ? 1.013   2.453  -3.806  1.00 0.81 ? 15 GLY A O    1 
ATOM   185 H  H    . GLY A 1 15 ? 5.390   3.023  -3.892  1.00 0.38 ? 15 GLY A H    1 
ATOM   186 H  HA2  . GLY A 1 15 ? 3.122   2.552  -5.311  1.00 1.08 ? 15 GLY A HA2  1 
ATOM   187 H  HA3  . GLY A 1 15 ? 3.679   1.453  -4.048  1.00 1.21 ? 15 GLY A HA3  1 
ATOM   188 N  N    . CYS A 1 16 ? 2.270   3.411  -2.288  1.00 0.35 ? 16 CYS A N    1 
ATOM   189 C  CA   . CYS A 1 16 ? 1.075   3.696  -1.454  1.00 0.22 ? 16 CYS A CA   1 
ATOM   190 C  C    . CYS A 1 16 ? 0.724   5.179  -1.459  1.00 0.30 ? 16 CYS A C    1 
ATOM   191 O  O    . CYS A 1 16 ? 1.552   6.036  -1.694  1.00 0.33 ? 16 CYS A O    1 
ATOM   192 C  CB   . CYS A 1 16 ? 1.346   3.220  -0.037  1.00 0.21 ? 16 CYS A CB   1 
ATOM   193 S  SG   . CYS A 1 16 ? 2.044   1.560  -0.149  1.00 0.16 ? 16 CYS A SG   1 
ATOM   194 H  H    . CYS A 1 16 ? 3.159   3.657  -1.968  1.00 0.42 ? 16 CYS A H    1 
ATOM   195 H  HA   . CYS A 1 16 ? 0.243   3.149  -1.847  1.00 0.36 ? 16 CYS A HA   1 
ATOM   196 H  HB2  . CYS A 1 16 ? 2.048   3.883  0.446   1.00 0.25 ? 16 CYS A HB2  1 
ATOM   197 H  HB3  . CYS A 1 16 ? 0.427   3.193  0.520   1.00 0.28 ? 16 CYS A HB3  1 
ATOM   198 N  N    . LYS A 1 17 ? -0.523  5.469  -1.210  1.00 0.41 ? 17 LYS A N    1 
ATOM   199 C  CA   . LYS A 1 17 ? -0.988  6.881  -1.201  1.00 0.56 ? 17 LYS A CA   1 
ATOM   200 C  C    . LYS A 1 17 ? -1.738  7.161  0.103   1.00 0.50 ? 17 LYS A C    1 
ATOM   201 O  O    . LYS A 1 17 ? -1.337  7.985  0.901   1.00 0.74 ? 17 LYS A O    1 
ATOM   202 C  CB   . LYS A 1 17 ? -1.939  7.090  -2.382  1.00 0.67 ? 17 LYS A CB   1 
ATOM   203 C  CG   . LYS A 1 17 ? -2.674  8.423  -2.222  1.00 0.88 ? 17 LYS A CG   1 
ATOM   204 C  CD   . LYS A 1 17 ? -4.173  8.164  -2.064  1.00 1.77 ? 17 LYS A CD   1 
ATOM   205 C  CE   . LYS A 1 17 ? -4.822  8.073  -3.447  1.00 2.16 ? 17 LYS A CE   1 
ATOM   206 N  NZ   . LYS A 1 17 ? -6.298  7.936  -3.294  1.00 2.92 ? 17 LYS A NZ   1 
ATOM   207 H  H    . LYS A 1 17 ? -1.162  4.745  -1.035  1.00 0.41 ? 17 LYS A H    1 
ATOM   208 H  HA   . LYS A 1 17 ? -0.144  7.547  -1.291  1.00 0.81 ? 17 LYS A HA   1 
ATOM   209 H  HB2  . LYS A 1 17 ? -1.374  7.100  -3.303  1.00 1.02 ? 17 LYS A HB2  1 
ATOM   210 H  HB3  . LYS A 1 17 ? -2.660  6.280  -2.409  1.00 0.61 ? 17 LYS A HB3  1 
ATOM   211 H  HG2  . LYS A 1 17 ? -2.303  8.935  -1.345  1.00 1.34 ? 17 LYS A HG2  1 
ATOM   212 H  HG3  . LYS A 1 17 ? -2.503  9.036  -3.094  1.00 1.36 ? 17 LYS A HG3  1 
ATOM   213 H  HD2  . LYS A 1 17 ? -4.324  7.235  -1.534  1.00 2.38 ? 17 LYS A HD2  1 
ATOM   214 H  HD3  . LYS A 1 17 ? -4.622  8.973  -1.508  1.00 2.39 ? 17 LYS A HD3  1 
ATOM   215 H  HE2  . LYS A 1 17 ? -4.600  8.968  -4.009  1.00 2.53 ? 17 LYS A HE2  1 
ATOM   216 H  HE3  . LYS A 1 17 ? -4.433  7.213  -3.971  1.00 2.37 ? 17 LYS A HE3  1 
ATOM   217 H  HZ1  . LYS A 1 17 ? -6.508  7.190  -2.601  1.00 3.40 ? 17 LYS A HZ1  1 
ATOM   218 H  HZ2  . LYS A 1 17 ? -6.719  7.686  -4.212  1.00 3.20 ? 17 LYS A HZ2  1 
ATOM   219 H  HZ3  . LYS A 1 17 ? -6.698  8.836  -2.962  1.00 3.29 ? 17 LYS A HZ3  1 
ATOM   220 N  N    . THR A 1 18 ? -2.825  6.473  0.318   1.00 0.37 ? 18 THR A N    1 
ATOM   221 C  CA   . THR A 1 18 ? -3.622  6.676  1.551   1.00 0.60 ? 18 THR A CA   1 
ATOM   222 C  C    . THR A 1 18 ? -4.557  5.491  1.729   1.00 0.74 ? 18 THR A C    1 
ATOM   223 O  O    . THR A 1 18 ? -4.351  4.623  2.554   1.00 0.94 ? 18 THR A O    1 
ATOM   224 C  CB   . THR A 1 18 ? -4.476  7.935  1.412   1.00 0.62 ? 18 THR A CB   1 
ATOM   225 O  OG1  . THR A 1 18 ? -5.281  7.826  0.246   1.00 0.51 ? 18 THR A OG1  1 
ATOM   226 C  CG2  . THR A 1 18 ? -3.579  9.157  1.295   1.00 0.75 ? 18 THR A CG2  1 
ATOM   227 H  H    . THR A 1 18 ? -3.120  5.819  -0.337  1.00 0.30 ? 18 THR A H    1 
ATOM   228 H  HA   . THR A 1 18 ? -2.968  6.761  2.396   1.00 0.78 ? 18 THR A HA   1 
ATOM   229 H  HB   . THR A 1 18 ? -5.110  8.035  2.276   1.00 0.81 ? 18 THR A HB   1 
ATOM   230 H  HG1  . THR A 1 18 ? -6.054  8.381  0.367   1.00 0.84 ? 18 THR A HG1  1 
ATOM   231 H  HG21 . THR A 1 18 ? -3.187  9.215  0.291   1.00 1.29 ? 18 THR A HG21 1 
ATOM   232 H  HG22 . THR A 1 18 ? -2.765  9.074  1.998   1.00 1.25 ? 18 THR A HG22 1 
ATOM   233 H  HG23 . THR A 1 18 ? -4.154  10.045 1.510   1.00 1.33 ? 18 THR A HG23 1 
ATOM   234 N  N    . GLY A 1 19 ? -5.592  5.467  0.945   1.00 0.76 ? 19 GLY A N    1 
ATOM   235 C  CA   . GLY A 1 19 ? -6.585  4.359  1.025   1.00 1.07 ? 19 GLY A CA   1 
ATOM   236 C  C    . GLY A 1 19 ? -5.876  3.013  1.233   1.00 0.72 ? 19 GLY A C    1 
ATOM   237 O  O    . GLY A 1 19 ? -6.471  2.080  1.734   1.00 0.52 ? 19 GLY A O    1 
ATOM   238 H  H    . GLY A 1 19 ? -5.721  6.194  0.298   1.00 0.64 ? 19 GLY A H    1 
ATOM   239 H  HA2  . GLY A 1 19 ? -7.251  4.544  1.852   1.00 1.24 ? 19 GLY A HA2  1 
ATOM   240 H  HA3  . GLY A 1 19 ? -7.154  4.324  0.109   1.00 1.67 ? 19 GLY A HA3  1 
ATOM   241 N  N    . CYS A 1 20 ? -4.623  2.905  0.842   1.00 0.69 ? 20 CYS A N    1 
ATOM   242 C  CA   . CYS A 1 20 ? -3.869  1.619  1.008   1.00 0.37 ? 20 CYS A CA   1 
ATOM   243 C  C    . CYS A 1 20 ? -4.389  0.848  2.222   1.00 0.19 ? 20 CYS A C    1 
ATOM   244 O  O    . CYS A 1 20 ? -4.226  1.266  3.352   1.00 0.25 ? 20 CYS A O    1 
ATOM   245 C  CB   . CYS A 1 20 ? -2.384  1.921  1.229   1.00 0.33 ? 20 CYS A CB   1 
ATOM   246 S  SG   . CYS A 1 20 ? -1.497  0.379  1.583   1.00 0.21 ? 20 CYS A SG   1 
ATOM   247 H  H    . CYS A 1 20 ? -4.177  3.671  0.428   1.00 0.91 ? 20 CYS A H    1 
ATOM   248 H  HA   . CYS A 1 20 ? -3.984  1.015  0.120   1.00 0.44 ? 20 CYS A HA   1 
ATOM   249 H  HB2  . CYS A 1 20 ? -1.974  2.376  0.339   1.00 1.16 ? 20 CYS A HB2  1 
ATOM   250 H  HB3  . CYS A 1 20 ? -2.275  2.599  2.062   1.00 0.76 ? 20 CYS A HB3  1 
ATOM   251 N  N    . LYS A 1 21 ? -5.002  -0.281 2.001   1.00 0.17 ? 21 LYS A N    1 
ATOM   252 C  CA   . LYS A 1 21 ? -5.516  -1.081 3.143   1.00 0.20 ? 21 LYS A CA   1 
ATOM   253 C  C    . LYS A 1 21 ? -4.606  -2.291 3.340   1.00 0.17 ? 21 LYS A C    1 
ATOM   254 O  O    . LYS A 1 21 ? -4.873  -3.158 4.149   1.00 0.17 ? 21 LYS A O    1 
ATOM   255 C  CB   . LYS A 1 21 ? -6.942  -1.552 2.845   1.00 0.39 ? 21 LYS A CB   1 
ATOM   256 C  CG   . LYS A 1 21 ? -7.085  -1.823 1.347   1.00 1.05 ? 21 LYS A CG   1 
ATOM   257 C  CD   . LYS A 1 21 ? -8.156  -2.893 1.122   1.00 1.55 ? 21 LYS A CD   1 
ATOM   258 C  CE   . LYS A 1 21 ? -7.519  -4.123 0.474   1.00 2.28 ? 21 LYS A CE   1 
ATOM   259 N  NZ   . LYS A 1 21 ? -8.162  -5.356 1.008   1.00 2.93 ? 21 LYS A NZ   1 
ATOM   260 H  H    . LYS A 1 21 ? -5.111  -0.608 1.085   1.00 0.29 ? 21 LYS A H    1 
ATOM   261 H  HA   . LYS A 1 21 ? -5.515  -0.477 4.037   1.00 0.25 ? 21 LYS A HA   1 
ATOM   262 H  HB2  . LYS A 1 21 ? -7.144  -2.459 3.396   1.00 1.08 ? 21 LYS A HB2  1 
ATOM   263 H  HB3  . LYS A 1 21 ? -7.643  -0.787 3.142   1.00 1.07 ? 21 LYS A HB3  1 
ATOM   264 H  HG2  . LYS A 1 21 ? -7.373  -0.912 0.845   1.00 1.56 ? 21 LYS A HG2  1 
ATOM   265 H  HG3  . LYS A 1 21 ? -6.142  -2.168 0.954   1.00 1.71 ? 21 LYS A HG3  1 
ATOM   266 H  HD2  . LYS A 1 21 ? -8.592  -3.171 2.070   1.00 2.07 ? 21 LYS A HD2  1 
ATOM   267 H  HD3  . LYS A 1 21 ? -8.925  -2.501 0.473   1.00 1.92 ? 21 LYS A HD3  1 
ATOM   268 H  HE2  . LYS A 1 21 ? -7.658  -4.079 -0.596  1.00 2.71 ? 21 LYS A HE2  1 
ATOM   269 H  HE3  . LYS A 1 21 ? -6.462  -4.142 0.699   1.00 2.71 ? 21 LYS A HE3  1 
ATOM   270 H  HZ1  . LYS A 1 21 ? -7.524  -5.815 1.687   1.00 3.35 ? 21 LYS A HZ1  1 
ATOM   271 H  HZ2  . LYS A 1 21 ? -8.362  -6.010 0.223   1.00 3.26 ? 21 LYS A HZ2  1 
ATOM   272 H  HZ3  . LYS A 1 21 ? -9.051  -5.105 1.485   1.00 3.26 ? 21 LYS A HZ3  1 
ATOM   273 N  N    . CYS A 1 22 ? -3.531  -2.355 2.601   1.00 0.17 ? 22 CYS A N    1 
ATOM   274 C  CA   . CYS A 1 22 ? -2.603  -3.509 2.741   1.00 0.15 ? 22 CYS A CA   1 
ATOM   275 C  C    . CYS A 1 22 ? -1.889  -3.426 4.090   1.00 0.17 ? 22 CYS A C    1 
ATOM   276 O  O    . CYS A 1 22 ? -1.046  -2.578 4.307   1.00 0.19 ? 22 CYS A O    1 
ATOM   277 C  CB   . CYS A 1 22 ? -1.580  -3.469 1.603   1.00 0.14 ? 22 CYS A CB   1 
ATOM   278 S  SG   . CYS A 1 22 ? -0.185  -4.581 1.953   1.00 0.09 ? 22 CYS A SG   1 
ATOM   279 H  H    . CYS A 1 22 ? -3.336  -1.643 1.950   1.00 0.20 ? 22 CYS A H    1 
ATOM   280 H  HA   . CYS A 1 22 ? -3.167  -4.426 2.685   1.00 0.18 ? 22 CYS A HA   1 
ATOM   281 H  HB2  . CYS A 1 22 ? -2.061  -3.777 0.688   1.00 0.37 ? 22 CYS A HB2  1 
ATOM   282 H  HB3  . CYS A 1 22 ? -1.212  -2.460 1.491   1.00 0.32 ? 22 CYS A HB3  1 
ATOM   283 N  N    . THR A 1 23 ? -2.215  -4.305 4.999   1.00 0.23 ? 23 THR A N    1 
ATOM   284 C  CA   . THR A 1 23 ? -1.551  -4.279 6.330   1.00 0.29 ? 23 THR A CA   1 
ATOM   285 C  C    . THR A 1 23 ? -0.268  -5.110 6.269   1.00 0.29 ? 23 THR A C    1 
ATOM   286 O  O    . THR A 1 23 ? 0.077   -5.809 7.201   1.00 0.55 ? 23 THR A O    1 
ATOM   287 C  CB   . THR A 1 23 ? -2.492  -4.869 7.384   1.00 0.36 ? 23 THR A CB   1 
ATOM   288 O  OG1  . THR A 1 23 ? -3.578  -5.517 6.736   1.00 1.02 ? 23 THR A OG1  1 
ATOM   289 C  CG2  . THR A 1 23 ? -3.025  -3.750 8.279   1.00 1.03 ? 23 THR A CG2  1 
ATOM   290 H  H    . THR A 1 23 ? -2.895  -4.983 4.802   1.00 0.25 ? 23 THR A H    1 
ATOM   291 H  HA   . THR A 1 23 ? -1.309  -3.260 6.594   1.00 0.30 ? 23 THR A HA   1 
ATOM   292 H  HB   . THR A 1 23 ? -1.955  -5.583 7.989   1.00 0.86 ? 23 THR A HB   1 
ATOM   293 H  HG1  . THR A 1 23 ? -3.846  -6.262 7.280   1.00 1.41 ? 23 THR A HG1  1 
ATOM   294 H  HG21 . THR A 1 23 ? -4.072  -3.586 8.068   1.00 1.59 ? 23 THR A HG21 1 
ATOM   295 H  HG22 . THR A 1 23 ? -2.473  -2.841 8.085   1.00 1.59 ? 23 THR A HG22 1 
ATOM   296 H  HG23 . THR A 1 23 ? -2.906  -4.029 9.315   1.00 1.63 ? 23 THR A HG23 1 
ATOM   297 N  N    . SER A 1 24 ? 0.442   -5.038 5.176   1.00 0.11 ? 24 SER A N    1 
ATOM   298 C  CA   . SER A 1 24 ? 1.700   -5.820 5.050   1.00 0.10 ? 24 SER A CA   1 
ATOM   299 C  C    . SER A 1 24 ? 2.889   -4.861 5.007   1.00 0.10 ? 24 SER A C    1 
ATOM   300 O  O    . SER A 1 24 ? 3.999   -5.220 5.348   1.00 0.13 ? 24 SER A O    1 
ATOM   301 C  CB   . SER A 1 24 ? 1.662   -6.644 3.762   1.00 0.11 ? 24 SER A CB   1 
ATOM   302 O  OG   . SER A 1 24 ? 0.463   -7.403 3.721   1.00 0.30 ? 24 SER A OG   1 
ATOM   303 H  H    . SER A 1 24 ? 0.147   -4.468 4.438   1.00 0.26 ? 24 SER A H    1 
ATOM   304 H  HA   . SER A 1 24 ? 1.800   -6.480 5.898   1.00 0.13 ? 24 SER A HA   1 
ATOM   305 H  HB2  . SER A 1 24 ? 1.699   -5.982 2.909   1.00 0.31 ? 24 SER A HB2  1 
ATOM   306 H  HB3  . SER A 1 24 ? 2.512   -7.311 3.737   1.00 0.27 ? 24 SER A HB3  1 
ATOM   307 H  HG   . SER A 1 24 ? 0.006   -7.193 2.903   1.00 0.92 ? 24 SER A HG   1 
ATOM   308 N  N    . CYS A 1 25 ? 2.671   -3.639 4.596   1.00 0.10 ? 25 CYS A N    1 
ATOM   309 C  CA   . CYS A 1 25 ? 3.803   -2.672 4.543   1.00 0.12 ? 25 CYS A CA   1 
ATOM   310 C  C    . CYS A 1 25 ? 3.808   -1.810 5.797   1.00 0.16 ? 25 CYS A C    1 
ATOM   311 O  O    . CYS A 1 25 ? 2.792   -1.590 6.426   1.00 0.17 ? 25 CYS A O    1 
ATOM   312 C  CB   . CYS A 1 25 ? 3.691   -1.752 3.314   1.00 0.11 ? 25 CYS A CB   1 
ATOM   313 S  SG   . CYS A 1 25 ? 1.967   -1.236 3.032   1.00 0.10 ? 25 CYS A SG   1 
ATOM   314 H  H    . CYS A 1 25 ? 1.770   -3.362 4.328   1.00 0.11 ? 25 CYS A H    1 
ATOM   315 H  HA   . CYS A 1 25 ? 4.733   -3.217 4.493   1.00 0.13 ? 25 CYS A HA   1 
ATOM   316 H  HB2  . CYS A 1 25 ? 4.303   -0.874 3.476   1.00 0.14 ? 25 CYS A HB2  1 
ATOM   317 H  HB3  . CYS A 1 25 ? 4.053   -2.279 2.446   1.00 0.10 ? 25 CYS A HB3  1 
ATOM   318 N  N    . ARG A 1 26 ? 4.950   -1.292 6.139   1.00 0.20 ? 26 ARG A N    1 
ATOM   319 C  CA   . ARG A 1 26 ? 5.040   -0.406 7.325   1.00 0.25 ? 26 ARG A CA   1 
ATOM   320 C  C    . ARG A 1 26 ? 4.510   0.948  6.881   1.00 0.24 ? 26 ARG A C    1 
ATOM   321 O  O    . ARG A 1 26 ? 5.219   1.934  6.832   1.00 0.27 ? 26 ARG A O    1 
ATOM   322 C  CB   . ARG A 1 26 ? 6.503   -0.283 7.742   1.00 0.33 ? 26 ARG A CB   1 
ATOM   323 C  CG   . ARG A 1 26 ? 7.307   0.287  6.572   1.00 0.36 ? 26 ARG A CG   1 
ATOM   324 C  CD   . ARG A 1 26 ? 8.189   1.435  7.068   1.00 1.03 ? 26 ARG A CD   1 
ATOM   325 N  NE   . ARG A 1 26 ? 9.519   0.901  7.475   1.00 1.19 ? 26 ARG A NE   1 
ATOM   326 C  CZ   . ARG A 1 26 ? 10.610  1.480  7.056   1.00 1.80 ? 26 ARG A CZ   1 
ATOM   327 N  NH1  . ARG A 1 26 ? 11.101  1.179  5.884   1.00 2.50 ? 26 ARG A NH1  1 
ATOM   328 N  NH2  . ARG A 1 26 ? 11.211  2.360  7.809   1.00 2.47 ? 26 ARG A NH2  1 
ATOM   329 H  H    . ARG A 1 26 ? 5.746   -1.465 5.594   1.00 0.21 ? 26 ARG A H    1 
ATOM   330 H  HA   . ARG A 1 26 ? 4.445   -0.798 8.135   1.00 0.27 ? 26 ARG A HA   1 
ATOM   331 H  HB2  . ARG A 1 26 ? 6.584   0.375  8.593   1.00 0.40 ? 26 ARG A HB2  1 
ATOM   332 H  HB3  . ARG A 1 26 ? 6.884   -1.260 7.999   1.00 0.33 ? 26 ARG A HB3  1 
ATOM   333 H  HG2  . ARG A 1 26 ? 7.929   -0.489 6.151   1.00 0.69 ? 26 ARG A HG2  1 
ATOM   334 H  HG3  . ARG A 1 26 ? 6.629   0.653  5.813   1.00 0.39 ? 26 ARG A HG3  1 
ATOM   335 H  HD2  . ARG A 1 26 ? 8.317   2.158  6.276   1.00 1.73 ? 26 ARG A HD2  1 
ATOM   336 H  HD3  . ARG A 1 26 ? 7.717   1.910  7.916   1.00 1.64 ? 26 ARG A HD3  1 
ATOM   337 H  HE   . ARG A 1 26 ? 9.573   0.114  8.056   1.00 1.57 ? 26 ARG A HE   1 
ATOM   338 H  HH11 . ARG A 1 26 ? 10.640  0.505  5.308   1.00 2.75 ? 26 ARG A HH11 1 
ATOM   339 H  HH12 . ARG A 1 26 ? 11.938  1.624  5.564   1.00 3.14 ? 26 ARG A HH12 1 
ATOM   340 H  HH21 . ARG A 1 26 ? 10.835  2.591  8.707   1.00 2.71 ? 26 ARG A HH21 1 
ATOM   341 H  HH22 . ARG A 1 26 ? 12.048  2.805  7.488   1.00 3.11 ? 26 ARG A HH22 1 
ATOM   342 N  N    . CYS A 1 27 ? 3.269   0.971  6.494   1.00 0.21 ? 27 CYS A N    1 
ATOM   343 C  CA   . CYS A 1 27 ? 2.663   2.217  5.973   1.00 0.22 ? 27 CYS A CA   1 
ATOM   344 C  C    . CYS A 1 27 ? 2.269   3.129  7.136   1.00 0.26 ? 27 CYS A C    1 
ATOM   345 O  O    . CYS A 1 27 ? 2.666   4.275  7.200   1.00 0.34 ? 27 CYS A O    1 
ATOM   346 C  CB   . CYS A 1 27 ? 1.426   1.830  5.181   1.00 0.20 ? 27 CYS A CB   1 
ATOM   347 S  SG   . CYS A 1 27 ? 1.292   2.881  3.724   1.00 0.21 ? 27 CYS A SG   1 
ATOM   348 H  H    . CYS A 1 27 ? 2.743   0.145  6.504   1.00 0.20 ? 27 CYS A H    1 
ATOM   349 H  HA   . CYS A 1 27 ? 3.352   2.723  5.329   1.00 0.22 ? 27 CYS A HA   1 
ATOM   350 H  HB2  . CYS A 1 27 ? 1.496   0.795  4.879   1.00 0.17 ? 27 CYS A HB2  1 
ATOM   351 H  HB3  . CYS A 1 27 ? 0.564   1.968  5.800   1.00 0.22 ? 27 CYS A HB3  1 
ATOM   352 N  N    . ALA A 1 28 ? 1.491   2.630  8.057   1.00 0.33 ? 28 ALA A N    1 
ATOM   353 C  CA   . ALA A 1 28 ? 1.073   3.469  9.215   1.00 0.37 ? 28 ALA A CA   1 
ATOM   354 C  C    . ALA A 1 28 ? 1.513   2.797  10.517  1.00 1.34 ? 28 ALA A C    1 
ATOM   355 O  O    . ALA A 1 28 ? 1.652   3.500  11.505  1.00 2.14 ? 28 ALA A O    1 
ATOM   356 C  CB   . ALA A 1 28 ? -0.449  3.624  9.210   1.00 1.32 ? 28 ALA A CB   1 
ATOM   357 O  OXT  . ALA A 1 28 ? 1.704   1.593  10.504  1.00 2.05 ? 28 ALA A OXT  1 
ATOM   358 H  H    . ALA A 1 28 ? 1.183   1.702  7.988   1.00 0.43 ? 28 ALA A H    1 
ATOM   359 H  HA   . ALA A 1 28 ? 1.534   4.443  9.138   1.00 0.97 ? 28 ALA A HA   1 
ATOM   360 H  HB1  . ALA A 1 28 ? -0.721  4.486  8.620   1.00 1.86 ? 28 ALA A HB1  1 
ATOM   361 H  HB2  . ALA A 1 28 ? -0.800  3.755  10.223  1.00 1.94 ? 28 ALA A HB2  1 
ATOM   362 H  HB3  . ALA A 1 28 ? -0.899  2.739  8.783   1.00 1.92 ? 28 ALA A HB3  1 
HETATM 363 CD CD   . CD  B 2 .  ? 1.591   -2.939 1.129   1.00 0.07 ? 29 CD  A CD   1 
HETATM 364 CD CD   . CD  C 2 .  ? -0.138  0.353  -0.575  1.00 0.16 ? 30 CD  A CD   1 
HETATM 365 CD CD   . CD  D 2 .  ? 2.558   1.168  2.300   1.00 0.15 ? 31 CD  A CD   1 
# 
